data_7UC5
#
_entry.id   7UC5
#
_cell.length_a   155.628
_cell.length_b   155.628
_cell.length_c   170.758
_cell.angle_alpha   90.000
_cell.angle_beta   90.000
_cell.angle_gamma   120.000
#
_symmetry.space_group_name_H-M   'P 63 2 2'
#
loop_
_entity.id
_entity.type
_entity.pdbx_description
1 polymer 'HLA class I histocompatibility antigen, A alpha chain'
2 polymer Beta-2-microglobulin
3 polymer 'Nucleoprotein peptide'
4 non-polymer 'SULFATE ION'
5 water water
#
loop_
_entity_poly.entity_id
_entity_poly.type
_entity_poly.pdbx_seq_one_letter_code
_entity_poly.pdbx_strand_id
1 'polypeptide(L)'
;GSHSMRYFFTSVSRPGRGEPRFIAVGYVDDTQFVRFDSDAASQRMEPRAPWIEQEGPEYWDQETRNVKAQSQTDRVDLGT
LRGYYNQSEAGSHTIQIMYGCDVGSDGRFLRGYRQDAYDGKDYIALNEDLRSWTAADMAAQITKRKWEAAHEAEQLRAYL
DGTCVEWLRRYLENGKETLQRTDPPKTHMTHHPISDHEATLRCWALGFYPAEITLTWQRDGEDQTQDTELVETRPAGDGT
FQKWAAVVVPSGEEQRYTCHVQHEGLPKPLTLRWELS
;
A,D
2 'polypeptide(L)'
;MIQRTPKIQVYSRHPAENGKSNFLNCYVSGFHPSDIEVDLLKNGERIEKVEHSDLSFSKDWSFYLLYYTEFTPTEKDEYA
CRVNHVTLSQPKIVKWDRDM
;
B,E
3 'polypeptide(L)' ILRGSVAHK C,F
#
loop_
_chem_comp.id
_chem_comp.type
_chem_comp.name
_chem_comp.formula
SO4 non-polymer 'SULFATE ION' 'O4 S -2'
#
# COMPACT_ATOMS: atom_id res chain seq x y z
N GLY A 1 10.84 5.76 4.23
CA GLY A 1 10.99 6.89 5.14
C GLY A 1 11.88 6.60 6.34
N SER A 2 11.81 7.47 7.36
CA SER A 2 12.59 7.28 8.59
C SER A 2 11.97 6.18 9.48
N HIS A 3 12.79 5.58 10.37
CA HIS A 3 12.34 4.53 11.28
C HIS A 3 12.86 4.75 12.68
N SER A 4 12.24 4.10 13.66
CA SER A 4 12.69 4.23 15.03
C SER A 4 12.75 2.91 15.72
N MET A 5 13.59 2.81 16.73
CA MET A 5 13.57 1.66 17.64
C MET A 5 13.43 2.27 19.01
N ARG A 6 12.43 1.84 19.79
CA ARG A 6 12.15 2.39 21.11
C ARG A 6 11.84 1.36 22.12
N TYR A 7 12.35 1.50 23.37
CA TYR A 7 12.01 0.61 24.46
C TYR A 7 11.29 1.45 25.50
N PHE A 8 10.13 0.95 26.01
CA PHE A 8 9.27 1.62 26.97
C PHE A 8 9.23 0.76 28.19
N PHE A 9 9.40 1.39 29.38
CA PHE A 9 9.43 0.67 30.65
C PHE A 9 8.49 1.35 31.63
N THR A 10 7.73 0.54 32.38
CA THR A 10 6.88 1.04 33.44
C THR A 10 7.08 0.14 34.65
N SER A 11 7.37 0.73 35.80
CA SER A 11 7.52 0.05 37.09
C SER A 11 6.57 0.74 38.08
N VAL A 12 5.68 -0.02 38.70
CA VAL A 12 4.66 0.50 39.64
C VAL A 12 4.80 -0.18 41.02
N SER A 13 5.15 0.57 42.10
CA SER A 13 5.28 -0.05 43.41
C SER A 13 3.89 -0.52 43.93
N ARG A 14 3.89 -1.60 44.71
CA ARG A 14 2.69 -2.24 45.30
C ARG A 14 3.02 -2.46 46.81
N PRO A 15 3.09 -1.37 47.62
CA PRO A 15 3.47 -1.53 49.05
C PRO A 15 2.64 -2.56 49.78
N GLY A 16 3.33 -3.50 50.45
CA GLY A 16 2.71 -4.61 51.17
C GLY A 16 1.94 -5.60 50.30
N ARG A 17 2.14 -5.55 48.96
CA ARG A 17 1.50 -6.46 47.98
C ARG A 17 2.56 -7.06 47.05
N GLY A 18 3.80 -7.13 47.52
CA GLY A 18 4.89 -7.69 46.75
C GLY A 18 5.77 -6.71 46.00
N GLU A 19 6.53 -7.24 45.06
CA GLU A 19 7.47 -6.45 44.28
C GLU A 19 6.73 -5.62 43.22
N PRO A 20 7.33 -4.53 42.71
CA PRO A 20 6.62 -3.69 41.75
C PRO A 20 6.19 -4.43 40.51
N ARG A 21 5.14 -3.94 39.85
CA ARG A 21 4.71 -4.51 38.59
C ARG A 21 5.66 -3.84 37.58
N PHE A 22 6.27 -4.62 36.69
CA PHE A 22 7.21 -4.13 35.69
C PHE A 22 6.78 -4.65 34.32
N ILE A 23 6.66 -3.74 33.38
CA ILE A 23 6.28 -4.06 32.00
C ILE A 23 7.25 -3.31 31.08
N ALA A 24 7.93 -4.07 30.20
CA ALA A 24 8.83 -3.52 29.18
C ALA A 24 8.33 -3.91 27.81
N VAL A 25 8.36 -2.97 26.85
N VAL A 25 8.37 -2.98 26.86
CA VAL A 25 7.92 -3.22 25.46
CA VAL A 25 7.96 -3.25 25.48
C VAL A 25 8.88 -2.57 24.45
C VAL A 25 8.98 -2.63 24.54
N GLY A 26 9.31 -3.36 23.47
CA GLY A 26 10.20 -2.88 22.42
C GLY A 26 9.39 -2.71 21.16
N TYR A 27 9.59 -1.60 20.45
CA TYR A 27 8.92 -1.29 19.18
C TYR A 27 9.90 -0.95 18.13
N VAL A 28 9.54 -1.27 16.89
CA VAL A 28 10.20 -0.79 15.67
C VAL A 28 9.06 0.01 15.03
N ASP A 29 9.24 1.32 14.89
CA ASP A 29 8.19 2.27 14.47
C ASP A 29 7.03 2.07 15.48
N ASP A 30 5.81 1.69 15.01
CA ASP A 30 4.67 1.44 15.89
C ASP A 30 4.34 -0.02 16.09
N THR A 31 5.26 -0.89 15.68
CA THR A 31 5.08 -2.34 15.76
C THR A 31 5.85 -2.93 16.97
N GLN A 32 5.12 -3.49 17.92
CA GLN A 32 5.72 -4.15 19.06
C GLN A 32 6.48 -5.40 18.56
N PHE A 33 7.70 -5.67 19.07
CA PHE A 33 8.42 -6.86 18.63
C PHE A 33 8.90 -7.71 19.79
N VAL A 34 8.99 -7.12 20.98
CA VAL A 34 9.39 -7.82 22.19
C VAL A 34 8.61 -7.33 23.38
N ARG A 35 8.46 -8.16 24.40
CA ARG A 35 7.85 -7.70 25.64
C ARG A 35 8.35 -8.50 26.84
N PHE A 36 8.28 -7.87 28.00
CA PHE A 36 8.52 -8.53 29.28
C PHE A 36 7.44 -8.04 30.23
N ASP A 37 6.78 -8.95 30.96
CA ASP A 37 5.79 -8.54 31.97
C ASP A 37 6.13 -9.36 33.22
N SER A 38 6.46 -8.71 34.34
CA SER A 38 6.80 -9.40 35.60
C SER A 38 5.70 -10.35 36.08
N ASP A 39 4.47 -10.11 35.65
CA ASP A 39 3.31 -10.94 36.02
C ASP A 39 3.04 -12.07 35.01
N ALA A 40 3.84 -12.18 33.93
CA ALA A 40 3.60 -13.22 32.92
C ALA A 40 4.21 -14.58 33.31
N ALA A 41 3.74 -15.65 32.68
CA ALA A 41 4.19 -17.03 32.97
C ALA A 41 5.68 -17.31 32.74
N SER A 42 6.24 -16.90 31.57
CA SER A 42 7.61 -17.24 31.18
C SER A 42 8.75 -16.64 32.00
N GLN A 43 8.60 -15.38 32.49
CA GLN A 43 9.66 -14.65 33.17
C GLN A 43 10.87 -14.42 32.21
N ARG A 44 10.56 -14.30 30.91
CA ARG A 44 11.56 -14.07 29.87
C ARG A 44 11.14 -12.98 28.94
N MET A 45 12.11 -12.34 28.22
CA MET A 45 11.76 -11.42 27.15
C MET A 45 11.10 -12.33 26.12
N GLU A 46 9.95 -11.93 25.58
CA GLU A 46 9.17 -12.74 24.65
C GLU A 46 9.04 -12.08 23.27
N PRO A 47 9.04 -12.87 22.17
CA PRO A 47 8.85 -12.27 20.84
C PRO A 47 7.40 -11.84 20.61
N ARG A 48 7.18 -10.75 19.87
N ARG A 48 7.20 -10.74 19.89
CA ARG A 48 5.83 -10.27 19.57
CA ARG A 48 5.88 -10.17 19.59
C ARG A 48 5.61 -9.99 18.09
C ARG A 48 5.69 -9.77 18.12
N ALA A 49 6.67 -10.08 17.26
CA ALA A 49 6.58 -9.82 15.82
C ALA A 49 7.13 -11.05 15.12
N PRO A 50 6.62 -11.44 13.93
CA PRO A 50 7.07 -12.72 13.33
C PRO A 50 8.55 -12.75 13.01
N TRP A 51 9.10 -11.63 12.56
CA TRP A 51 10.49 -11.49 12.15
C TRP A 51 11.53 -11.53 13.30
N ILE A 52 11.10 -11.46 14.56
CA ILE A 52 12.07 -11.51 15.66
C ILE A 52 12.18 -12.94 16.17
N GLU A 53 11.19 -13.82 15.82
CA GLU A 53 11.19 -15.21 16.30
C GLU A 53 12.45 -16.00 15.86
N GLN A 54 13.06 -15.60 14.75
CA GLN A 54 14.25 -16.27 14.20
C GLN A 54 15.52 -16.07 15.08
N GLU A 55 15.47 -15.16 16.08
CA GLU A 55 16.60 -14.90 16.97
C GLU A 55 16.89 -16.12 17.82
N GLY A 56 18.17 -16.36 18.05
CA GLY A 56 18.63 -17.58 18.72
C GLY A 56 18.55 -17.56 20.23
N PRO A 57 18.80 -18.70 20.87
CA PRO A 57 18.72 -18.78 22.32
C PRO A 57 19.59 -17.78 23.07
N GLU A 58 20.81 -17.47 22.55
CA GLU A 58 21.71 -16.48 23.19
C GLU A 58 21.13 -15.08 23.15
N TYR A 59 20.38 -14.73 22.08
CA TYR A 59 19.69 -13.44 21.94
C TYR A 59 18.66 -13.30 23.09
N TRP A 60 17.77 -14.30 23.23
CA TRP A 60 16.72 -14.31 24.25
C TRP A 60 17.29 -14.36 25.69
N ASP A 61 18.40 -15.10 25.90
CA ASP A 61 19.05 -15.14 27.23
C ASP A 61 19.57 -13.76 27.61
N GLN A 62 20.22 -13.06 26.66
CA GLN A 62 20.78 -11.73 26.87
C GLN A 62 19.66 -10.67 27.13
N GLU A 63 18.62 -10.68 26.29
CA GLU A 63 17.48 -9.75 26.43
C GLU A 63 16.77 -9.95 27.75
N THR A 64 16.63 -11.23 28.21
CA THR A 64 16.03 -11.54 29.51
C THR A 64 16.87 -11.00 30.67
N ARG A 65 18.20 -11.27 30.68
CA ARG A 65 19.09 -10.75 31.74
C ARG A 65 19.02 -9.21 31.79
N ASN A 66 19.13 -8.55 30.62
CA ASN A 66 19.19 -7.10 30.52
C ASN A 66 17.86 -6.42 30.89
N VAL A 67 16.71 -7.04 30.54
CA VAL A 67 15.43 -6.43 30.90
C VAL A 67 15.19 -6.58 32.42
N LYS A 68 15.65 -7.72 32.99
CA LYS A 68 15.56 -8.00 34.43
C LYS A 68 16.47 -7.04 35.20
N ALA A 69 17.61 -6.66 34.62
CA ALA A 69 18.51 -5.68 35.25
C ALA A 69 17.84 -4.29 35.35
N GLN A 70 17.07 -3.91 34.31
CA GLN A 70 16.34 -2.63 34.30
C GLN A 70 15.23 -2.68 35.35
N SER A 71 14.58 -3.83 35.47
CA SER A 71 13.53 -4.02 36.46
C SER A 71 14.10 -3.81 37.87
N GLN A 72 15.25 -4.46 38.16
CA GLN A 72 15.91 -4.35 39.47
C GLN A 72 16.34 -2.93 39.78
N THR A 73 16.86 -2.21 38.77
CA THR A 73 17.24 -0.81 38.88
C THR A 73 16.01 0.06 39.24
N ASP A 74 14.87 -0.16 38.59
CA ASP A 74 13.67 0.62 38.88
C ASP A 74 13.17 0.36 40.26
N ARG A 75 13.31 -0.87 40.73
CA ARG A 75 12.87 -1.29 42.07
C ARG A 75 13.60 -0.46 43.12
N VAL A 76 14.94 -0.36 43.01
CA VAL A 76 15.76 0.41 43.94
C VAL A 76 15.49 1.94 43.73
N ASP A 77 15.32 2.40 42.46
CA ASP A 77 15.02 3.81 42.13
C ASP A 77 13.67 4.29 42.70
N LEU A 78 12.65 3.39 42.79
CA LEU A 78 11.36 3.75 43.40
C LEU A 78 11.60 4.13 44.87
N GLY A 79 12.45 3.37 45.57
CA GLY A 79 12.80 3.69 46.94
C GLY A 79 13.61 4.98 47.01
N THR A 80 14.56 5.14 46.10
CA THR A 80 15.40 6.34 46.06
C THR A 80 14.60 7.61 45.82
N LEU A 81 13.68 7.60 44.82
CA LEU A 81 12.87 8.77 44.46
C LEU A 81 11.85 9.14 45.54
N ARG A 82 11.35 8.14 46.27
CA ARG A 82 10.42 8.34 47.39
C ARG A 82 11.17 9.19 48.48
N GLY A 83 12.46 8.88 48.67
CA GLY A 83 13.38 9.59 49.54
C GLY A 83 13.62 11.02 49.07
N TYR A 84 13.97 11.21 47.78
CA TYR A 84 14.17 12.56 47.21
C TYR A 84 12.92 13.43 47.31
N TYR A 85 11.74 12.84 47.08
CA TYR A 85 10.50 13.61 47.10
C TYR A 85 9.81 13.64 48.45
N ASN A 86 10.45 13.06 49.48
CA ASN A 86 9.97 13.04 50.86
C ASN A 86 8.53 12.44 50.94
N GLN A 87 8.36 11.24 50.40
CA GLN A 87 7.07 10.54 50.40
C GLN A 87 7.13 9.35 51.32
N SER A 88 5.96 8.93 51.89
CA SER A 88 5.91 7.76 52.77
C SER A 88 6.02 6.48 51.97
N GLU A 89 6.25 5.40 52.69
CA GLU A 89 6.37 4.05 52.16
C GLU A 89 5.00 3.43 51.85
N ALA A 90 3.87 4.13 52.13
CA ALA A 90 2.52 3.59 51.92
C ALA A 90 1.92 3.70 50.51
N GLY A 91 2.20 4.78 49.79
CA GLY A 91 1.60 4.97 48.48
C GLY A 91 2.28 4.25 47.34
N SER A 92 1.51 3.99 46.30
CA SER A 92 2.01 3.39 45.06
C SER A 92 2.61 4.50 44.21
N HIS A 93 3.79 4.28 43.61
CA HIS A 93 4.44 5.27 42.74
C HIS A 93 4.89 4.62 41.45
N THR A 94 5.09 5.44 40.40
CA THR A 94 5.43 4.97 39.05
C THR A 94 6.69 5.60 38.47
N ILE A 95 7.54 4.76 37.89
CA ILE A 95 8.68 5.21 37.10
C ILE A 95 8.39 4.79 35.65
N GLN A 96 8.55 5.71 34.72
CA GLN A 96 8.41 5.43 33.28
C GLN A 96 9.68 5.87 32.59
N ILE A 97 10.14 5.05 31.65
CA ILE A 97 11.33 5.32 30.84
C ILE A 97 11.08 5.01 29.42
N MET A 98 11.54 5.87 28.55
CA MET A 98 11.52 5.57 27.13
C MET A 98 12.91 5.94 26.56
N TYR A 99 13.53 5.05 25.82
CA TYR A 99 14.76 5.39 25.09
C TYR A 99 14.77 4.76 23.69
N GLY A 100 15.54 5.34 22.80
CA GLY A 100 15.63 4.81 21.45
C GLY A 100 16.36 5.69 20.47
N CYS A 101 16.27 5.31 19.22
CA CYS A 101 16.95 6.03 18.15
C CYS A 101 16.12 6.03 16.91
N ASP A 102 16.40 7.01 16.05
CA ASP A 102 15.79 7.11 14.73
C ASP A 102 16.89 7.04 13.68
N VAL A 103 16.56 6.40 12.53
CA VAL A 103 17.43 6.33 11.35
C VAL A 103 16.66 6.86 10.13
N GLY A 104 17.38 7.35 9.12
CA GLY A 104 16.75 7.80 7.89
C GLY A 104 16.47 6.63 6.98
N SER A 105 15.83 6.89 5.82
CA SER A 105 15.52 5.80 4.88
C SER A 105 16.81 5.16 4.32
N ASP A 106 17.93 5.91 4.34
CA ASP A 106 19.24 5.38 3.90
C ASP A 106 20.04 4.71 5.07
N GLY A 107 19.38 4.52 6.22
CA GLY A 107 19.97 3.87 7.40
C GLY A 107 20.83 4.76 8.28
N ARG A 108 21.02 6.02 7.90
CA ARG A 108 21.87 6.93 8.68
C ARG A 108 21.25 7.29 10.04
N PHE A 109 22.09 7.42 11.08
CA PHE A 109 21.61 7.88 12.39
C PHE A 109 21.03 9.28 12.26
N LEU A 110 19.84 9.53 12.86
CA LEU A 110 19.20 10.85 12.90
C LEU A 110 19.23 11.44 14.29
N ARG A 111 18.75 10.68 15.29
CA ARG A 111 18.73 11.17 16.68
C ARG A 111 18.60 10.02 17.63
N GLY A 112 19.00 10.26 18.87
CA GLY A 112 18.87 9.31 19.96
C GLY A 112 18.19 10.02 21.12
N TYR A 113 17.54 9.28 22.03
CA TYR A 113 16.83 9.93 23.14
C TYR A 113 16.66 9.00 24.30
N ARG A 114 16.52 9.58 25.49
CA ARG A 114 16.19 8.89 26.73
C ARG A 114 15.40 9.89 27.58
N GLN A 115 14.17 9.53 27.95
CA GLN A 115 13.37 10.40 28.84
C GLN A 115 12.84 9.57 29.99
N ASP A 116 12.85 10.14 31.20
CA ASP A 116 12.40 9.47 32.41
C ASP A 116 11.35 10.28 33.12
N ALA A 117 10.37 9.59 33.71
CA ALA A 117 9.29 10.25 34.43
C ALA A 117 9.08 9.64 35.80
N TYR A 118 8.47 10.44 36.71
CA TYR A 118 8.12 9.93 38.03
C TYR A 118 6.70 10.38 38.31
N ASP A 119 5.82 9.42 38.65
CA ASP A 119 4.40 9.67 38.90
C ASP A 119 3.75 10.42 37.75
N GLY A 120 4.12 10.04 36.53
CA GLY A 120 3.60 10.62 35.29
C GLY A 120 4.03 12.04 34.98
N LYS A 121 5.12 12.54 35.59
CA LYS A 121 5.60 13.89 35.27
C LYS A 121 7.10 13.77 34.91
N ASP A 122 7.65 14.71 34.12
CA ASP A 122 9.08 14.66 33.75
C ASP A 122 9.98 14.50 34.98
N TYR A 123 11.05 13.74 34.85
CA TYR A 123 12.01 13.60 35.93
C TYR A 123 13.38 14.10 35.39
N ILE A 124 13.88 13.39 34.37
CA ILE A 124 15.17 13.74 33.77
C ILE A 124 15.12 13.27 32.31
N ALA A 125 15.81 14.01 31.44
CA ALA A 125 15.91 13.65 30.04
C ALA A 125 17.28 13.93 29.57
N LEU A 126 17.79 13.08 28.64
N LEU A 126 17.77 13.09 28.63
CA LEU A 126 19.06 13.33 27.98
CA LEU A 126 19.04 13.25 27.92
C LEU A 126 18.78 14.39 26.95
C LEU A 126 18.78 14.38 26.91
N ASN A 127 19.74 15.29 26.72
CA ASN A 127 19.58 16.36 25.73
C ASN A 127 19.85 15.86 24.33
N GLU A 128 19.41 16.62 23.35
CA GLU A 128 19.56 16.36 21.91
C GLU A 128 21.01 16.02 21.51
N ASP A 129 22.01 16.69 22.13
CA ASP A 129 23.44 16.47 21.85
C ASP A 129 23.99 15.15 22.37
N LEU A 130 23.24 14.45 23.25
CA LEU A 130 23.62 13.17 23.85
C LEU A 130 24.81 13.32 24.78
N ARG A 131 25.04 14.55 25.23
CA ARG A 131 26.15 14.87 26.11
C ARG A 131 25.73 15.41 27.46
N SER A 132 24.54 16.00 27.53
CA SER A 132 24.09 16.69 28.73
C SER A 132 22.66 16.26 29.12
N TRP A 133 22.21 16.64 30.33
CA TRP A 133 20.92 16.27 30.88
C TRP A 133 20.13 17.49 31.27
N THR A 134 18.77 17.38 31.28
CA THR A 134 17.85 18.40 31.79
C THR A 134 17.02 17.71 32.87
N ALA A 135 17.22 18.16 34.12
CA ALA A 135 16.46 17.65 35.27
C ALA A 135 15.20 18.51 35.42
N ALA A 136 14.04 17.92 35.76
CA ALA A 136 12.80 18.70 35.80
C ALA A 136 12.69 19.58 37.06
N ASP A 137 13.41 19.27 38.10
CA ASP A 137 13.31 19.98 39.39
C ASP A 137 14.57 19.78 40.17
N MET A 138 14.59 20.23 41.44
CA MET A 138 15.73 20.13 42.31
C MET A 138 15.98 18.71 42.80
N ALA A 139 14.94 17.84 42.94
CA ALA A 139 15.15 16.45 43.34
C ALA A 139 15.84 15.67 42.20
N ALA A 140 15.37 15.82 40.96
CA ALA A 140 15.90 15.19 39.75
C ALA A 140 17.36 15.63 39.50
N GLN A 141 17.74 16.85 39.91
CA GLN A 141 19.11 17.37 39.82
C GLN A 141 20.11 16.54 40.61
N ILE A 142 19.67 15.83 41.69
CA ILE A 142 20.48 14.90 42.49
C ILE A 142 20.93 13.72 41.59
N THR A 143 19.97 13.19 40.78
CA THR A 143 20.27 12.15 39.80
C THR A 143 21.24 12.69 38.74
N LYS A 144 20.97 13.88 38.21
CA LYS A 144 21.83 14.47 37.17
C LYS A 144 23.30 14.54 37.63
N ARG A 145 23.52 15.00 38.88
CA ARG A 145 24.85 15.06 39.48
C ARG A 145 25.49 13.69 39.58
N LYS A 146 24.72 12.65 39.98
CA LYS A 146 25.18 11.26 40.05
C LYS A 146 25.58 10.78 38.64
N TRP A 147 24.76 11.09 37.61
CA TRP A 147 25.03 10.61 36.25
C TRP A 147 26.21 11.37 35.59
N GLU A 148 26.36 12.68 35.90
CA GLU A 148 27.48 13.49 35.42
C GLU A 148 28.79 12.94 35.99
N ALA A 149 28.83 12.65 37.32
CA ALA A 149 29.99 12.06 38.01
C ALA A 149 30.37 10.65 37.49
N ALA A 150 29.36 9.83 37.12
CA ALA A 150 29.54 8.50 36.59
C ALA A 150 29.85 8.48 35.08
N HIS A 151 29.78 9.64 34.38
CA HIS A 151 29.94 9.78 32.92
C HIS A 151 28.91 8.88 32.20
N GLU A 152 27.68 8.89 32.73
CA GLU A 152 26.56 8.09 32.21
C GLU A 152 26.19 8.48 30.80
N ALA A 153 26.22 9.78 30.48
CA ALA A 153 25.88 10.24 29.13
C ALA A 153 26.73 9.58 28.05
N GLU A 154 28.06 9.42 28.31
CA GLU A 154 28.95 8.81 27.32
C GLU A 154 28.61 7.38 27.05
N GLN A 155 28.36 6.60 28.13
CA GLN A 155 27.96 5.19 28.08
C GLN A 155 26.63 5.04 27.33
N LEU A 156 25.65 5.86 27.69
CA LEU A 156 24.34 5.85 27.05
C LEU A 156 24.45 6.26 25.57
N ARG A 157 25.28 7.29 25.25
CA ARG A 157 25.45 7.73 23.86
C ARG A 157 25.98 6.59 22.98
N ALA A 158 26.96 5.80 23.50
CA ALA A 158 27.58 4.69 22.75
C ALA A 158 26.49 3.68 22.34
N TYR A 159 25.44 3.52 23.17
CA TYR A 159 24.28 2.68 22.82
C TYR A 159 23.36 3.43 21.83
N LEU A 160 22.89 4.65 22.18
CA LEU A 160 21.92 5.37 21.35
C LEU A 160 22.34 5.67 19.93
N ASP A 161 23.63 6.10 19.70
CA ASP A 161 24.02 6.42 18.33
C ASP A 161 24.91 5.33 17.73
N GLY A 162 24.99 4.20 18.44
CA GLY A 162 25.83 3.07 18.06
C GLY A 162 25.04 1.77 17.99
N THR A 163 25.02 1.01 19.09
CA THR A 163 24.33 -0.29 19.23
C THR A 163 22.87 -0.22 18.74
N CYS A 164 22.14 0.82 19.16
CA CYS A 164 20.72 1.03 18.83
C CYS A 164 20.57 1.09 17.31
N VAL A 165 21.46 1.88 16.61
CA VAL A 165 21.46 2.05 15.13
C VAL A 165 21.80 0.70 14.48
N GLU A 166 22.86 0.04 14.94
CA GLU A 166 23.25 -1.26 14.38
C GLU A 166 22.06 -2.27 14.37
N TRP A 167 21.37 -2.46 15.53
CA TRP A 167 20.27 -3.40 15.63
C TRP A 167 18.99 -2.94 14.92
N LEU A 168 18.68 -1.65 14.95
CA LEU A 168 17.52 -1.13 14.23
C LEU A 168 17.69 -1.47 12.73
N ARG A 169 18.89 -1.25 12.17
CA ARG A 169 19.13 -1.61 10.74
C ARG A 169 18.90 -3.10 10.50
N ARG A 170 19.39 -3.98 11.42
CA ARG A 170 19.21 -5.43 11.32
C ARG A 170 17.71 -5.78 11.35
N TYR A 171 16.95 -5.20 12.29
CA TYR A 171 15.50 -5.47 12.43
C TYR A 171 14.73 -5.01 11.23
N LEU A 172 15.11 -3.87 10.66
CA LEU A 172 14.44 -3.39 9.43
C LEU A 172 14.67 -4.31 8.27
N GLU A 173 15.89 -4.89 8.18
CA GLU A 173 16.21 -5.84 7.11
C GLU A 173 15.45 -7.14 7.34
N ASN A 174 15.44 -7.63 8.58
CA ASN A 174 14.75 -8.85 8.90
C ASN A 174 13.22 -8.77 8.75
N GLY A 175 12.63 -7.61 9.04
CA GLY A 175 11.18 -7.43 8.95
C GLY A 175 10.67 -6.66 7.74
N LYS A 176 11.52 -6.43 6.72
CA LYS A 176 11.15 -5.62 5.54
C LYS A 176 9.84 -6.04 4.82
N GLU A 177 9.55 -7.34 4.81
CA GLU A 177 8.37 -7.87 4.11
C GLU A 177 7.05 -7.59 4.79
N THR A 178 7.04 -7.42 6.13
CA THR A 178 5.78 -7.21 6.87
C THR A 178 5.66 -5.86 7.54
N LEU A 179 6.78 -5.15 7.79
CA LEU A 179 6.73 -3.88 8.49
C LEU A 179 5.78 -2.89 7.83
N GLN A 180 4.89 -2.29 8.65
CA GLN A 180 3.86 -1.34 8.20
C GLN A 180 4.47 -0.19 7.42
N ARG A 181 3.93 0.06 6.20
CA ARG A 181 4.36 1.15 5.35
C ARG A 181 3.37 2.32 5.41
N THR A 182 3.81 3.48 4.91
CA THR A 182 3.00 4.69 4.83
C THR A 182 1.75 4.34 4.02
N ASP A 183 0.57 4.67 4.57
CA ASP A 183 -0.72 4.40 3.96
C ASP A 183 -1.58 5.68 4.10
N PRO A 184 -2.04 6.30 2.99
CA PRO A 184 -2.82 7.55 3.16
C PRO A 184 -4.19 7.25 3.73
N PRO A 185 -4.84 8.20 4.43
CA PRO A 185 -6.18 7.91 4.96
C PRO A 185 -7.22 7.74 3.84
N LYS A 186 -8.22 6.91 4.10
CA LYS A 186 -9.44 6.72 3.31
C LYS A 186 -10.40 7.70 4.01
N THR A 187 -10.87 8.75 3.29
CA THR A 187 -11.70 9.77 3.90
C THR A 187 -13.12 9.81 3.38
N HIS A 188 -14.05 10.08 4.30
CA HIS A 188 -15.49 10.25 4.02
C HIS A 188 -16.14 11.10 5.10
N MET A 189 -17.35 11.60 4.82
CA MET A 189 -18.12 12.40 5.75
C MET A 189 -19.44 11.67 6.05
N THR A 190 -19.94 11.77 7.31
CA THR A 190 -21.23 11.21 7.71
C THR A 190 -22.09 12.33 8.27
N HIS A 191 -23.42 12.13 8.27
CA HIS A 191 -24.38 13.19 8.64
C HIS A 191 -25.38 12.58 9.60
N HIS A 192 -25.54 13.22 10.78
CA HIS A 192 -26.35 12.69 11.88
C HIS A 192 -27.20 13.78 12.50
N PRO A 193 -28.49 13.88 12.12
CA PRO A 193 -29.35 14.88 12.78
C PRO A 193 -29.37 14.63 14.29
N ILE A 194 -29.37 15.71 15.05
CA ILE A 194 -29.46 15.69 16.52
C ILE A 194 -30.84 16.24 16.95
N SER A 195 -31.57 16.81 15.98
CA SER A 195 -32.91 17.38 16.17
C SER A 195 -33.49 17.68 14.78
N ASP A 196 -34.58 18.48 14.72
CA ASP A 196 -35.19 18.89 13.45
C ASP A 196 -34.39 20.05 12.83
N HIS A 197 -33.60 20.77 13.64
CA HIS A 197 -32.90 21.97 13.19
C HIS A 197 -31.38 21.87 13.13
N GLU A 198 -30.79 20.80 13.69
CA GLU A 198 -29.34 20.67 13.67
C GLU A 198 -28.85 19.29 13.32
N ALA A 199 -27.63 19.20 12.80
CA ALA A 199 -27.04 17.91 12.49
C ALA A 199 -25.53 17.90 12.80
N THR A 200 -25.00 16.72 13.11
CA THR A 200 -23.56 16.55 13.28
C THR A 200 -22.96 16.14 11.94
N LEU A 201 -21.92 16.87 11.47
CA LEU A 201 -21.15 16.43 10.31
C LEU A 201 -19.90 15.78 10.88
N ARG A 202 -19.64 14.51 10.57
CA ARG A 202 -18.46 13.79 11.07
C ARG A 202 -17.51 13.43 9.92
N CYS A 203 -16.29 14.00 9.95
CA CYS A 203 -15.26 13.80 8.94
C CYS A 203 -14.37 12.69 9.43
N TRP A 204 -14.31 11.61 8.66
CA TRP A 204 -13.55 10.42 9.01
C TRP A 204 -12.26 10.29 8.21
N ALA A 205 -11.22 9.72 8.86
CA ALA A 205 -9.93 9.34 8.27
C ALA A 205 -9.66 7.94 8.84
N LEU A 206 -9.56 6.95 7.96
CA LEU A 206 -9.41 5.54 8.30
C LEU A 206 -8.25 4.89 7.57
N GLY A 207 -7.76 3.77 8.12
CA GLY A 207 -6.67 2.96 7.58
C GLY A 207 -5.38 3.69 7.25
N PHE A 208 -5.02 4.72 8.04
CA PHE A 208 -3.81 5.48 7.73
C PHE A 208 -2.59 5.13 8.60
N TYR A 209 -1.41 5.44 8.08
CA TYR A 209 -0.11 5.23 8.72
C TYR A 209 0.92 6.20 8.10
N PRO A 210 1.77 6.90 8.90
CA PRO A 210 1.83 6.96 10.37
C PRO A 210 0.57 7.58 11.01
N ALA A 211 0.50 7.53 12.36
CA ALA A 211 -0.62 8.05 13.16
C ALA A 211 -0.75 9.56 13.05
N GLU A 212 0.37 10.29 12.73
CA GLU A 212 0.32 11.75 12.64
C GLU A 212 -0.66 12.20 11.54
N ILE A 213 -1.68 13.02 11.89
CA ILE A 213 -2.70 13.50 10.95
C ILE A 213 -3.29 14.79 11.50
N THR A 214 -3.76 15.66 10.61
CA THR A 214 -4.44 16.87 11.07
C THR A 214 -5.81 16.96 10.33
N LEU A 215 -6.91 17.00 11.13
CA LEU A 215 -8.29 17.14 10.67
C LEU A 215 -8.77 18.47 11.19
N THR A 216 -9.19 19.34 10.26
CA THR A 216 -9.66 20.68 10.56
C THR A 216 -11.03 20.91 9.91
N TRP A 217 -11.87 21.75 10.50
CA TRP A 217 -13.17 22.10 9.99
C TRP A 217 -13.18 23.59 9.71
N GLN A 218 -13.77 24.00 8.58
CA GLN A 218 -13.90 25.41 8.22
C GLN A 218 -15.32 25.77 7.86
N ARG A 219 -15.80 26.95 8.29
CA ARG A 219 -17.12 27.48 7.92
C ARG A 219 -16.82 28.71 7.08
N ASP A 220 -17.12 28.62 5.76
CA ASP A 220 -16.90 29.64 4.70
C ASP A 220 -15.42 30.02 4.54
N GLY A 221 -14.55 29.02 4.65
CA GLY A 221 -13.10 29.21 4.56
C GLY A 221 -12.45 29.74 5.82
N GLU A 222 -13.21 29.85 6.94
CA GLU A 222 -12.77 30.34 8.25
C GLU A 222 -12.74 29.20 9.26
N ASP A 223 -11.62 29.02 9.97
CA ASP A 223 -11.42 27.94 10.95
C ASP A 223 -12.50 27.82 12.03
N GLN A 224 -12.87 26.55 12.35
CA GLN A 224 -13.92 26.20 13.32
C GLN A 224 -13.38 25.67 14.65
N THR A 225 -12.09 25.90 14.92
CA THR A 225 -11.42 25.51 16.16
C THR A 225 -12.17 26.13 17.35
N GLN A 226 -12.51 25.26 18.34
CA GLN A 226 -13.27 25.51 19.59
C GLN A 226 -14.73 25.01 19.49
N ASP A 227 -15.20 24.70 18.26
CA ASP A 227 -16.54 24.15 18.00
C ASP A 227 -16.43 22.70 17.46
N THR A 228 -15.20 22.28 17.12
CA THR A 228 -14.91 20.96 16.61
C THR A 228 -14.72 19.96 17.76
N GLU A 229 -15.29 18.75 17.60
CA GLU A 229 -15.04 17.67 18.53
C GLU A 229 -14.04 16.75 17.82
N LEU A 230 -12.82 16.66 18.36
CA LEU A 230 -11.77 15.83 17.81
C LEU A 230 -11.57 14.66 18.73
N VAL A 231 -11.56 13.45 18.19
CA VAL A 231 -11.28 12.30 19.04
C VAL A 231 -9.79 12.02 18.95
N GLU A 232 -9.25 11.33 19.95
CA GLU A 232 -7.84 10.94 19.91
C GLU A 232 -7.65 9.94 18.80
N THR A 233 -6.50 10.02 18.11
CA THR A 233 -6.16 9.05 17.07
C THR A 233 -6.08 7.72 17.75
N ARG A 234 -6.70 6.71 17.13
CA ARG A 234 -6.84 5.41 17.76
C ARG A 234 -6.40 4.29 16.89
N PRO A 235 -5.95 3.14 17.46
CA PRO A 235 -5.54 2.03 16.62
C PRO A 235 -6.71 1.23 16.06
N ALA A 236 -6.61 0.83 14.77
CA ALA A 236 -7.63 -0.04 14.16
C ALA A 236 -7.42 -1.46 14.69
N GLY A 237 -6.18 -1.73 15.11
CA GLY A 237 -5.78 -3.03 15.66
C GLY A 237 -5.09 -3.89 14.63
N ASP A 238 -4.78 -3.29 13.46
CA ASP A 238 -4.16 -3.96 12.33
C ASP A 238 -2.83 -3.30 11.89
N GLY A 239 -2.41 -2.28 12.64
CA GLY A 239 -1.20 -1.52 12.34
C GLY A 239 -1.50 -0.14 11.77
N THR A 240 -2.79 0.15 11.45
CA THR A 240 -3.17 1.46 10.93
C THR A 240 -4.07 2.15 11.97
N PHE A 241 -4.32 3.44 11.77
CA PHE A 241 -5.04 4.24 12.74
C PHE A 241 -6.35 4.82 12.16
N GLN A 242 -7.18 5.36 13.05
CA GLN A 242 -8.46 6.01 12.74
C GLN A 242 -8.54 7.31 13.50
N LYS A 243 -9.34 8.23 13.00
CA LYS A 243 -9.63 9.48 13.68
C LYS A 243 -10.87 10.10 13.04
N TRP A 244 -11.64 10.85 13.83
CA TRP A 244 -12.72 11.63 13.28
C TRP A 244 -12.79 12.97 13.95
N ALA A 245 -13.34 13.95 13.24
CA ALA A 245 -13.55 15.32 13.68
C ALA A 245 -15.00 15.65 13.37
N ALA A 246 -15.72 16.23 14.34
CA ALA A 246 -17.13 16.53 14.13
C ALA A 246 -17.50 17.97 14.44
N VAL A 247 -18.52 18.45 13.73
CA VAL A 247 -19.05 19.80 13.90
C VAL A 247 -20.60 19.74 13.90
N VAL A 248 -21.22 20.51 14.78
CA VAL A 248 -22.68 20.58 14.88
C VAL A 248 -23.08 21.78 14.02
N VAL A 249 -23.90 21.54 13.00
CA VAL A 249 -24.28 22.57 12.04
C VAL A 249 -25.82 22.79 11.96
N PRO A 250 -26.29 24.01 11.59
CA PRO A 250 -27.74 24.18 11.42
C PRO A 250 -28.17 23.46 10.13
N SER A 251 -29.31 22.73 10.17
CA SER A 251 -29.84 22.01 9.01
C SER A 251 -30.09 23.01 7.87
N GLY A 252 -29.62 22.66 6.67
CA GLY A 252 -29.71 23.51 5.50
C GLY A 252 -28.41 24.27 5.23
N GLU A 253 -27.51 24.34 6.24
CA GLU A 253 -26.24 25.06 6.10
C GLU A 253 -25.03 24.13 5.93
N GLU A 254 -25.24 22.80 5.68
CA GLU A 254 -24.18 21.80 5.54
C GLU A 254 -23.04 22.17 4.53
N GLN A 255 -23.40 22.72 3.38
CA GLN A 255 -22.45 23.05 2.30
C GLN A 255 -21.48 24.21 2.61
N ARG A 256 -21.72 24.97 3.69
CA ARG A 256 -20.84 26.06 4.15
C ARG A 256 -19.59 25.49 4.83
N TYR A 257 -19.67 24.23 5.28
CA TYR A 257 -18.60 23.57 6.02
C TYR A 257 -17.70 22.73 5.14
N THR A 258 -16.41 22.74 5.46
CA THR A 258 -15.40 21.96 4.75
C THR A 258 -14.51 21.28 5.75
N CYS A 259 -14.17 20.03 5.48
CA CYS A 259 -13.24 19.30 6.31
C CYS A 259 -11.93 19.22 5.56
N HIS A 260 -10.84 19.50 6.28
CA HIS A 260 -9.49 19.52 5.71
C HIS A 260 -8.62 18.46 6.33
N VAL A 261 -8.10 17.56 5.49
CA VAL A 261 -7.26 16.45 5.91
C VAL A 261 -5.81 16.63 5.45
N GLN A 262 -4.87 16.66 6.41
CA GLN A 262 -3.44 16.74 6.09
C GLN A 262 -2.76 15.47 6.60
N HIS A 263 -2.03 14.82 5.71
CA HIS A 263 -1.29 13.60 6.01
C HIS A 263 -0.10 13.45 5.06
N GLU A 264 1.01 12.91 5.58
CA GLU A 264 2.25 12.67 4.84
C GLU A 264 2.09 11.64 3.66
N GLY A 265 1.04 10.80 3.70
CA GLY A 265 0.78 9.84 2.62
C GLY A 265 -0.01 10.43 1.47
N LEU A 266 -0.52 11.66 1.62
CA LEU A 266 -1.34 12.33 0.60
C LEU A 266 -0.50 13.22 -0.29
N PRO A 267 -0.72 13.21 -1.63
CA PRO A 267 0.03 14.15 -2.50
C PRO A 267 -0.36 15.61 -2.23
N LYS A 268 -1.64 15.82 -1.89
CA LYS A 268 -2.23 17.13 -1.61
C LYS A 268 -3.11 17.06 -0.35
N PRO A 269 -3.26 18.16 0.42
CA PRO A 269 -4.25 18.13 1.52
C PRO A 269 -5.67 18.02 0.92
N LEU A 270 -6.54 17.19 1.51
CA LEU A 270 -7.90 16.98 1.01
C LEU A 270 -8.91 17.95 1.59
N THR A 271 -9.93 18.27 0.78
CA THR A 271 -11.07 19.07 1.20
C THR A 271 -12.32 18.22 0.96
N LEU A 272 -13.15 18.06 2.01
CA LEU A 272 -14.41 17.31 1.95
C LEU A 272 -15.55 18.25 2.26
N ARG A 273 -16.65 18.09 1.54
CA ARG A 273 -17.83 18.92 1.73
C ARG A 273 -19.05 18.04 1.64
N TRP A 274 -20.04 18.30 2.48
CA TRP A 274 -21.32 17.58 2.43
C TRP A 274 -22.09 18.16 1.24
N GLU A 275 -22.25 17.42 0.16
CA GLU A 275 -22.98 18.00 -0.98
C GLU A 275 -24.39 17.41 -1.08
N LEU A 276 -25.31 18.17 -0.75
CA LEU A 276 -26.75 17.85 -0.67
C LEU A 276 -27.38 17.75 -2.07
N SER A 277 -28.70 17.78 -2.45
CA SER A 277 -29.50 17.96 -3.69
C SER A 277 -30.24 16.73 -4.14
N ILE B 2 -2.60 13.95 41.62
CA ILE B 2 -2.01 14.14 40.26
C ILE B 2 -2.53 13.05 39.32
N GLN B 3 -3.85 12.97 39.13
CA GLN B 3 -4.42 11.81 38.40
C GLN B 3 -5.15 12.23 37.11
N ARG B 4 -5.18 11.33 36.14
CA ARG B 4 -5.81 11.62 34.86
CA ARG B 4 -5.80 11.62 34.85
C ARG B 4 -6.86 10.57 34.50
N THR B 5 -8.06 11.02 34.19
CA THR B 5 -9.17 10.12 33.89
C THR B 5 -9.04 9.51 32.53
N PRO B 6 -9.39 8.23 32.34
CA PRO B 6 -9.31 7.66 30.99
C PRO B 6 -10.30 8.22 29.98
N LYS B 7 -9.85 8.35 28.74
CA LYS B 7 -10.67 8.69 27.57
C LYS B 7 -10.99 7.29 26.99
N ILE B 8 -12.26 7.00 26.78
CA ILE B 8 -12.71 5.67 26.33
C ILE B 8 -13.38 5.79 24.96
N GLN B 9 -12.96 4.95 24.01
CA GLN B 9 -13.56 4.89 22.70
C GLN B 9 -13.87 3.43 22.44
N VAL B 10 -15.11 3.12 22.02
CA VAL B 10 -15.60 1.74 21.70
C VAL B 10 -15.95 1.76 20.22
N TYR B 11 -15.31 0.91 19.44
CA TYR B 11 -15.48 0.95 18.01
C TYR B 11 -15.11 -0.35 17.38
N SER B 12 -15.45 -0.51 16.11
CA SER B 12 -15.15 -1.71 15.37
C SER B 12 -13.96 -1.37 14.45
N ARG B 13 -13.12 -2.36 14.15
CA ARG B 13 -11.96 -2.20 13.25
C ARG B 13 -12.43 -1.83 11.82
N HIS B 14 -13.42 -2.58 11.31
CA HIS B 14 -13.99 -2.35 9.98
C HIS B 14 -15.42 -1.79 10.11
N PRO B 15 -15.94 -1.02 9.11
CA PRO B 15 -17.35 -0.55 9.20
C PRO B 15 -18.26 -1.74 9.49
N ALA B 16 -19.20 -1.59 10.45
CA ALA B 16 -20.04 -2.70 10.89
C ALA B 16 -21.05 -3.12 9.83
N GLU B 17 -21.21 -4.42 9.65
CA GLU B 17 -22.14 -5.06 8.73
C GLU B 17 -22.73 -6.24 9.47
N ASN B 18 -24.07 -6.23 9.71
CA ASN B 18 -24.73 -7.31 10.46
C ASN B 18 -24.46 -8.66 9.85
N GLY B 19 -24.09 -9.62 10.70
CA GLY B 19 -23.74 -10.97 10.30
C GLY B 19 -22.32 -11.15 9.77
N LYS B 20 -21.55 -10.06 9.60
CA LYS B 20 -20.16 -10.15 9.10
C LYS B 20 -19.14 -10.01 10.27
N SER B 21 -18.21 -10.98 10.39
CA SER B 21 -17.14 -11.04 11.41
C SER B 21 -16.30 -9.77 11.38
N ASN B 22 -15.97 -9.28 12.59
CA ASN B 22 -15.24 -8.02 12.70
C ASN B 22 -14.48 -8.04 14.03
N PHE B 23 -13.90 -6.90 14.40
CA PHE B 23 -13.21 -6.77 15.67
C PHE B 23 -13.81 -5.66 16.48
N LEU B 24 -14.15 -5.94 17.74
CA LEU B 24 -14.69 -4.94 18.66
C LEU B 24 -13.49 -4.43 19.47
N ASN B 25 -13.29 -3.12 19.47
CA ASN B 25 -12.19 -2.47 20.19
C ASN B 25 -12.69 -1.54 21.29
N CYS B 26 -11.94 -1.50 22.38
CA CYS B 26 -12.09 -0.52 23.45
C CYS B 26 -10.70 0.05 23.72
N TYR B 27 -10.49 1.27 23.24
CA TYR B 27 -9.21 1.97 23.40
C TYR B 27 -9.38 2.94 24.56
N VAL B 28 -8.59 2.73 25.59
CA VAL B 28 -8.60 3.57 26.80
C VAL B 28 -7.25 4.29 26.83
N SER B 29 -7.27 5.62 26.88
CA SER B 29 -6.05 6.40 26.81
C SER B 29 -6.09 7.62 27.73
N GLY B 30 -4.94 8.30 27.86
CA GLY B 30 -4.81 9.51 28.65
C GLY B 30 -4.99 9.33 30.14
N PHE B 31 -4.80 8.12 30.67
CA PHE B 31 -5.03 7.93 32.10
C PHE B 31 -3.75 7.83 32.93
N HIS B 32 -3.86 8.17 34.20
CA HIS B 32 -2.78 8.04 35.20
C HIS B 32 -3.42 7.97 36.58
N PRO B 33 -3.06 7.02 37.49
CA PRO B 33 -2.03 5.97 37.33
C PRO B 33 -2.47 4.82 36.42
N SER B 34 -1.58 3.83 36.22
CA SER B 34 -1.76 2.76 35.24
C SER B 34 -2.77 1.68 35.60
N ASP B 35 -3.08 1.48 36.89
CA ASP B 35 -4.02 0.43 37.29
C ASP B 35 -5.39 0.74 36.71
N ILE B 36 -5.95 -0.19 35.98
CA ILE B 36 -7.25 0.03 35.35
C ILE B 36 -7.91 -1.32 35.12
N GLU B 37 -9.25 -1.36 35.17
CA GLU B 37 -10.02 -2.58 34.91
C GLU B 37 -10.84 -2.29 33.67
N VAL B 38 -10.73 -3.13 32.62
CA VAL B 38 -11.47 -2.92 31.36
C VAL B 38 -12.15 -4.23 30.99
N ASP B 39 -13.47 -4.18 30.73
CA ASP B 39 -14.24 -5.37 30.28
C ASP B 39 -15.04 -5.04 29.07
N LEU B 40 -15.17 -6.00 28.14
CA LEU B 40 -16.04 -5.82 26.97
C LEU B 40 -17.32 -6.56 27.35
N LEU B 41 -18.47 -5.96 27.06
CA LEU B 41 -19.77 -6.55 27.42
C LEU B 41 -20.63 -6.84 26.20
N LYS B 42 -21.40 -7.93 26.27
CA LYS B 42 -22.37 -8.35 25.24
C LYS B 42 -23.65 -8.51 26.02
N ASN B 43 -24.64 -7.63 25.78
CA ASN B 43 -25.94 -7.62 26.48
C ASN B 43 -25.75 -7.56 28.02
N GLY B 44 -24.81 -6.70 28.46
CA GLY B 44 -24.52 -6.50 29.87
C GLY B 44 -23.71 -7.59 30.53
N GLU B 45 -23.28 -8.60 29.75
CA GLU B 45 -22.52 -9.73 30.28
C GLU B 45 -21.08 -9.68 29.78
N ARG B 46 -20.15 -9.83 30.70
CA ARG B 46 -18.71 -9.79 30.44
C ARG B 46 -18.27 -10.85 29.41
N ILE B 47 -17.59 -10.42 28.32
CA ILE B 47 -17.05 -11.32 27.29
C ILE B 47 -15.77 -11.93 27.90
N GLU B 48 -15.59 -13.26 27.78
CA GLU B 48 -14.50 -13.99 28.41
C GLU B 48 -13.15 -14.02 27.70
N LYS B 49 -13.08 -14.11 26.38
CA LYS B 49 -11.75 -14.29 25.78
C LYS B 49 -11.17 -12.99 25.16
N VAL B 50 -11.22 -11.90 25.94
CA VAL B 50 -10.78 -10.59 25.50
C VAL B 50 -9.27 -10.45 25.66
N GLU B 51 -8.56 -10.06 24.59
CA GLU B 51 -7.10 -9.83 24.67
C GLU B 51 -6.85 -8.32 24.80
N HIS B 52 -5.63 -7.94 25.17
CA HIS B 52 -5.28 -6.54 25.23
C HIS B 52 -3.80 -6.33 24.94
N SER B 53 -3.47 -5.15 24.41
CA SER B 53 -2.10 -4.73 24.11
C SER B 53 -1.34 -4.60 25.44
N ASP B 54 -0.01 -4.60 25.41
CA ASP B 54 0.77 -4.40 26.63
C ASP B 54 0.79 -2.94 26.94
N LEU B 55 0.75 -2.62 28.22
CA LEU B 55 0.81 -1.25 28.69
C LEU B 55 1.89 -0.43 28.05
N SER B 56 1.50 0.73 27.56
CA SER B 56 2.40 1.69 26.96
C SER B 56 1.90 3.09 27.27
N PHE B 57 2.63 4.10 26.82
CA PHE B 57 2.30 5.48 27.17
C PHE B 57 2.66 6.43 26.08
N SER B 58 2.04 7.63 26.13
CA SER B 58 2.16 8.72 25.18
C SER B 58 3.27 9.68 25.59
N LYS B 59 3.54 10.69 24.76
CA LYS B 59 4.53 11.75 24.98
C LYS B 59 4.30 12.48 26.31
N ASP B 60 3.02 12.71 26.68
CA ASP B 60 2.68 13.35 27.95
C ASP B 60 2.75 12.41 29.16
N TRP B 61 3.19 11.13 28.98
CA TRP B 61 3.36 10.11 30.03
C TRP B 61 2.07 9.40 30.41
N SER B 62 0.92 9.83 29.85
CA SER B 62 -0.37 9.17 30.16
C SER B 62 -0.43 7.78 29.49
N PHE B 63 -1.07 6.83 30.15
CA PHE B 63 -1.11 5.47 29.64
C PHE B 63 -2.19 5.20 28.62
N TYR B 64 -1.99 4.15 27.82
CA TYR B 64 -3.04 3.68 26.90
C TYR B 64 -2.97 2.18 26.77
N LEU B 65 -4.14 1.57 26.48
CA LEU B 65 -4.32 0.14 26.31
C LEU B 65 -5.45 -0.07 25.29
N LEU B 66 -5.31 -1.09 24.46
CA LEU B 66 -6.33 -1.49 23.53
C LEU B 66 -6.84 -2.87 23.95
N TYR B 67 -8.15 -2.99 24.23
CA TYR B 67 -8.82 -4.27 24.53
C TYR B 67 -9.62 -4.62 23.29
N TYR B 68 -9.58 -5.88 22.91
CA TYR B 68 -10.21 -6.27 21.66
C TYR B 68 -10.69 -7.68 21.64
N THR B 69 -11.71 -7.93 20.79
CA THR B 69 -12.27 -9.26 20.61
C THR B 69 -12.91 -9.37 19.24
N GLU B 70 -12.85 -10.56 18.67
CA GLU B 70 -13.51 -10.84 17.41
C GLU B 70 -15.02 -10.92 17.73
N PHE B 71 -15.84 -10.29 16.91
CA PHE B 71 -17.28 -10.34 17.12
C PHE B 71 -18.03 -10.32 15.81
N THR B 72 -19.31 -10.71 15.84
CA THR B 72 -20.15 -10.63 14.65
C THR B 72 -21.33 -9.76 15.06
N PRO B 73 -21.40 -8.47 14.63
CA PRO B 73 -22.51 -7.62 15.08
C PRO B 73 -23.85 -8.07 14.52
N THR B 74 -24.93 -7.79 15.25
CA THR B 74 -26.31 -8.11 14.83
C THR B 74 -27.15 -6.88 15.13
N GLU B 75 -28.38 -6.82 14.59
CA GLU B 75 -29.26 -5.68 14.81
C GLU B 75 -29.66 -5.58 16.30
N LYS B 76 -29.81 -6.74 16.98
CA LYS B 76 -30.29 -6.80 18.37
C LYS B 76 -29.24 -6.91 19.49
N ASP B 77 -28.01 -7.36 19.19
CA ASP B 77 -27.01 -7.48 20.25
C ASP B 77 -26.39 -6.14 20.57
N GLU B 78 -26.31 -5.85 21.88
CA GLU B 78 -25.71 -4.60 22.34
C GLU B 78 -24.34 -4.87 22.94
N TYR B 79 -23.37 -4.07 22.52
CA TYR B 79 -21.99 -4.19 22.99
C TYR B 79 -21.58 -2.95 23.76
N ALA B 80 -20.71 -3.12 24.75
CA ALA B 80 -20.26 -1.97 25.55
C ALA B 80 -18.86 -2.22 26.11
N CYS B 81 -18.23 -1.16 26.62
CA CYS B 81 -16.94 -1.29 27.28
C CYS B 81 -17.14 -0.73 28.67
N ARG B 82 -16.75 -1.48 29.70
CA ARG B 82 -16.89 -1.05 31.09
C ARG B 82 -15.48 -0.81 31.67
N VAL B 83 -15.24 0.39 32.20
CA VAL B 83 -13.92 0.81 32.69
C VAL B 83 -13.96 1.28 34.14
N ASN B 84 -13.06 0.75 34.97
CA ASN B 84 -12.94 1.20 36.34
C ASN B 84 -11.54 1.76 36.56
N HIS B 85 -11.43 2.92 37.20
CA HIS B 85 -10.15 3.61 37.43
C HIS B 85 -10.31 4.43 38.71
N VAL B 86 -9.22 4.65 39.46
CA VAL B 86 -9.26 5.42 40.72
C VAL B 86 -10.00 6.80 40.58
N THR B 87 -9.91 7.41 39.39
CA THR B 87 -10.52 8.71 39.11
C THR B 87 -12.05 8.67 38.94
N LEU B 88 -12.65 7.47 38.86
CA LEU B 88 -14.10 7.33 38.63
C LEU B 88 -14.84 6.93 39.90
N SER B 89 -15.98 7.60 40.18
CA SER B 89 -16.87 7.30 41.33
C SER B 89 -17.45 5.91 41.16
N GLN B 90 -17.76 5.54 39.91
CA GLN B 90 -18.27 4.20 39.60
C GLN B 90 -17.71 3.76 38.24
N PRO B 91 -17.71 2.45 37.93
CA PRO B 91 -17.24 2.02 36.60
C PRO B 91 -18.05 2.69 35.49
N LYS B 92 -17.33 3.21 34.48
CA LYS B 92 -17.94 3.89 33.35
C LYS B 92 -18.29 2.89 32.26
N ILE B 93 -19.55 2.90 31.78
CA ILE B 93 -19.97 2.00 30.68
C ILE B 93 -20.17 2.87 29.43
N VAL B 94 -19.49 2.52 28.34
CA VAL B 94 -19.63 3.23 27.07
C VAL B 94 -20.21 2.20 26.12
N LYS B 95 -21.42 2.44 25.65
CA LYS B 95 -22.07 1.52 24.71
C LYS B 95 -21.44 1.71 23.34
N TRP B 96 -21.31 0.61 22.59
CA TRP B 96 -20.81 0.68 21.23
C TRP B 96 -21.90 1.27 20.30
N ASP B 97 -21.55 2.34 19.56
CA ASP B 97 -22.37 3.03 18.59
C ASP B 97 -21.65 2.99 17.24
N ARG B 98 -22.20 2.23 16.28
CA ARG B 98 -21.69 2.07 14.90
C ARG B 98 -21.23 3.32 14.20
N ASP B 99 -21.79 4.51 14.56
CA ASP B 99 -21.53 5.83 13.97
C ASP B 99 -20.32 6.51 14.55
N MET B 100 -19.68 5.86 15.52
CA MET B 100 -18.51 6.42 16.19
C MET B 100 -17.40 5.37 16.24
N ILE C 1 18.10 -4.48 20.20
CA ILE C 1 18.33 -5.02 21.56
C ILE C 1 18.32 -3.86 22.57
N LEU C 2 18.10 -4.18 23.86
CA LEU C 2 18.08 -3.24 25.00
C LEU C 2 19.51 -2.95 25.39
N ARG C 3 19.68 -1.98 26.29
N ARG C 3 19.73 -1.89 26.18
CA ARG C 3 20.97 -1.62 26.87
CA ARG C 3 21.07 -1.55 26.69
C ARG C 3 21.49 -2.74 27.77
C ARG C 3 21.51 -2.56 27.79
N GLY C 4 22.80 -2.92 27.77
CA GLY C 4 23.43 -3.89 28.64
C GLY C 4 23.93 -3.32 29.96
N SER C 5 23.85 -2.00 30.12
CA SER C 5 24.26 -1.35 31.36
C SER C 5 23.13 -0.47 31.89
N VAL C 6 23.00 -0.42 33.21
CA VAL C 6 21.92 0.30 33.87
C VAL C 6 22.50 1.37 34.80
N ALA C 7 21.78 2.48 34.97
CA ALA C 7 22.20 3.60 35.81
C ALA C 7 21.23 3.80 36.99
N HIS C 8 21.72 3.73 38.23
CA HIS C 8 20.88 3.95 39.43
C HIS C 8 20.61 5.47 39.56
N LYS C 9 19.42 5.86 40.03
CA LYS C 9 19.09 7.29 40.17
C LYS C 9 19.52 7.87 41.54
N GLY D 1 -8.47 7.69 -7.32
CA GLY D 1 -8.34 8.28 -8.65
C GLY D 1 -9.37 7.71 -9.62
N SER D 2 -9.19 7.95 -10.92
CA SER D 2 -10.13 7.45 -11.92
C SER D 2 -9.91 5.95 -12.20
N HIS D 3 -10.92 5.28 -12.79
CA HIS D 3 -10.83 3.87 -13.08
C HIS D 3 -11.35 3.58 -14.46
N SER D 4 -11.00 2.44 -15.01
CA SER D 4 -11.49 2.09 -16.35
C SER D 4 -11.87 0.63 -16.47
N MET D 5 -12.77 0.31 -17.40
CA MET D 5 -13.07 -1.06 -17.75
C MET D 5 -12.87 -1.14 -19.27
N ARG D 6 -12.01 -2.08 -19.75
CA ARG D 6 -11.73 -2.19 -21.17
C ARG D 6 -11.77 -3.63 -21.64
N TYR D 7 -12.35 -3.86 -22.80
CA TYR D 7 -12.34 -5.18 -23.45
C TYR D 7 -11.55 -5.04 -24.73
N PHE D 8 -10.62 -5.97 -24.99
CA PHE D 8 -9.76 -6.00 -26.17
C PHE D 8 -10.05 -7.28 -26.93
N PHE D 9 -10.19 -7.18 -28.26
CA PHE D 9 -10.51 -8.35 -29.10
C PHE D 9 -9.58 -8.35 -30.28
N THR D 10 -9.02 -9.53 -30.62
CA THR D 10 -8.15 -9.69 -31.77
C THR D 10 -8.66 -10.89 -32.54
N SER D 11 -8.95 -10.71 -33.83
CA SER D 11 -9.37 -11.83 -34.70
C SER D 11 -8.35 -11.89 -35.84
N VAL D 12 -7.69 -13.05 -36.05
CA VAL D 12 -6.63 -13.21 -37.07
C VAL D 12 -7.03 -14.32 -38.05
N SER D 13 -7.32 -13.98 -39.34
CA SER D 13 -7.70 -14.98 -40.34
C SER D 13 -6.49 -15.92 -40.59
N ARG D 14 -6.77 -17.20 -40.81
CA ARG D 14 -5.75 -18.23 -41.02
C ARG D 14 -6.15 -18.96 -42.33
N PRO D 15 -5.91 -18.40 -43.56
CA PRO D 15 -6.37 -19.08 -44.78
C PRO D 15 -5.74 -20.45 -44.97
N GLY D 16 -6.60 -21.45 -45.10
CA GLY D 16 -6.21 -22.85 -45.26
C GLY D 16 -5.67 -23.54 -44.00
N ARG D 17 -5.81 -22.89 -42.83
CA ARG D 17 -5.36 -23.44 -41.54
C ARG D 17 -6.51 -23.42 -40.51
N GLY D 18 -7.73 -23.33 -41.02
CA GLY D 18 -8.95 -23.31 -40.19
C GLY D 18 -9.52 -21.93 -39.94
N GLU D 19 -10.47 -21.84 -38.99
CA GLU D 19 -11.16 -20.59 -38.65
C GLU D 19 -10.24 -19.56 -37.99
N PRO D 20 -10.58 -18.24 -38.04
CA PRO D 20 -9.66 -17.25 -37.46
C PRO D 20 -9.45 -17.46 -35.98
N ARG D 21 -8.24 -17.20 -35.52
CA ARG D 21 -7.93 -17.26 -34.11
C ARG D 21 -8.59 -16.00 -33.46
N PHE D 22 -9.39 -16.20 -32.40
CA PHE D 22 -10.04 -15.11 -31.69
C PHE D 22 -9.58 -15.10 -30.22
N ILE D 23 -9.05 -13.97 -29.75
CA ILE D 23 -8.60 -13.79 -28.37
C ILE D 23 -9.22 -12.50 -27.82
N ALA D 24 -9.97 -12.62 -26.72
CA ALA D 24 -10.62 -11.50 -26.04
C ALA D 24 -10.13 -11.46 -24.62
N VAL D 25 -9.86 -10.25 -24.11
CA VAL D 25 -9.42 -10.02 -22.71
C VAL D 25 -10.18 -8.83 -22.14
N GLY D 26 -10.52 -8.91 -20.86
CA GLY D 26 -11.15 -7.80 -20.16
C GLY D 26 -10.25 -7.32 -19.04
N TYR D 27 -10.18 -5.98 -18.86
CA TYR D 27 -9.38 -5.34 -17.82
C TYR D 27 -10.21 -4.36 -16.99
N VAL D 28 -9.88 -4.27 -15.71
CA VAL D 28 -10.33 -3.19 -14.85
C VAL D 28 -9.02 -2.52 -14.53
N ASP D 29 -8.84 -1.25 -14.93
CA ASP D 29 -7.55 -0.56 -14.80
C ASP D 29 -6.45 -1.41 -15.47
N ASP D 30 -5.31 -1.68 -14.77
CA ASP D 30 -4.24 -2.53 -15.36
C ASP D 30 -4.35 -4.00 -14.99
N THR D 31 -5.47 -4.40 -14.42
CA THR D 31 -5.69 -5.77 -13.96
C THR D 31 -6.58 -6.57 -14.89
N GLN D 32 -6.03 -7.63 -15.46
CA GLN D 32 -6.87 -8.48 -16.29
C GLN D 32 -7.84 -9.28 -15.44
N PHE D 33 -9.12 -9.38 -15.85
CA PHE D 33 -10.04 -10.17 -15.02
C PHE D 33 -10.76 -11.30 -15.78
N VAL D 34 -10.82 -11.25 -17.13
CA VAL D 34 -11.48 -12.32 -17.91
C VAL D 34 -10.70 -12.55 -19.20
N ARG D 35 -10.88 -13.73 -19.80
CA ARG D 35 -10.29 -14.04 -21.10
C ARG D 35 -11.12 -15.05 -21.84
N PHE D 36 -11.02 -15.04 -23.15
CA PHE D 36 -11.58 -16.06 -24.03
C PHE D 36 -10.55 -16.28 -25.11
N ASP D 37 -10.30 -17.55 -25.45
CA ASP D 37 -9.41 -17.88 -26.54
C ASP D 37 -10.09 -18.99 -27.32
N SER D 38 -10.36 -18.76 -28.61
CA SER D 38 -11.03 -19.72 -29.50
C SER D 38 -10.26 -21.06 -29.63
N ASP D 39 -8.94 -21.05 -29.35
CA ASP D 39 -8.09 -22.25 -29.40
C ASP D 39 -8.01 -23.00 -28.04
N ALA D 40 -8.48 -22.36 -26.95
CA ALA D 40 -8.45 -22.99 -25.63
C ALA D 40 -9.54 -24.07 -25.49
N ALA D 41 -9.40 -24.93 -24.48
CA ALA D 41 -10.27 -26.08 -24.26
C ALA D 41 -11.72 -25.78 -23.81
N SER D 42 -11.93 -24.91 -22.81
CA SER D 42 -13.26 -24.64 -22.25
C SER D 42 -14.33 -24.17 -23.22
N GLN D 43 -13.95 -23.31 -24.20
CA GLN D 43 -14.90 -22.65 -25.08
C GLN D 43 -15.84 -21.77 -24.23
N ARG D 44 -15.28 -21.20 -23.18
CA ARG D 44 -16.05 -20.33 -22.31
C ARG D 44 -15.23 -19.12 -21.93
N MET D 45 -15.89 -18.01 -21.55
CA MET D 45 -15.20 -16.87 -20.95
C MET D 45 -14.71 -17.41 -19.60
N GLU D 46 -13.46 -17.12 -19.25
CA GLU D 46 -12.82 -17.64 -18.05
C GLU D 46 -12.38 -16.57 -17.09
N PRO D 47 -12.41 -16.85 -15.75
CA PRO D 47 -11.91 -15.86 -14.79
C PRO D 47 -10.39 -15.76 -14.80
N ARG D 48 -9.86 -14.55 -14.59
CA ARG D 48 -8.41 -14.28 -14.49
C ARG D 48 -8.06 -13.43 -13.29
N ALA D 49 -9.05 -13.11 -12.45
CA ALA D 49 -8.83 -12.35 -11.22
C ALA D 49 -9.63 -13.03 -10.15
N PRO D 50 -9.11 -13.07 -8.90
CA PRO D 50 -9.83 -13.80 -7.84
C PRO D 50 -11.23 -13.26 -7.55
N TRP D 51 -11.40 -11.95 -7.59
CA TRP D 51 -12.68 -11.30 -7.27
C TRP D 51 -13.81 -11.54 -8.28
N ILE D 52 -13.49 -11.95 -9.53
CA ILE D 52 -14.55 -12.26 -10.53
C ILE D 52 -15.02 -13.71 -10.42
N GLU D 53 -14.19 -14.59 -9.86
CA GLU D 53 -14.50 -16.01 -9.72
C GLU D 53 -15.83 -16.29 -8.97
N GLN D 54 -16.16 -15.43 -8.00
CA GLN D 54 -17.40 -15.49 -7.19
C GLN D 54 -18.69 -15.34 -8.04
N GLU D 55 -18.57 -14.90 -9.32
CA GLU D 55 -19.76 -14.76 -10.19
C GLU D 55 -20.31 -16.13 -10.53
N GLY D 56 -21.64 -16.22 -10.59
CA GLY D 56 -22.33 -17.50 -10.81
C GLY D 56 -22.35 -18.01 -12.23
N PRO D 57 -22.83 -19.25 -12.44
CA PRO D 57 -22.84 -19.82 -13.81
C PRO D 57 -23.64 -19.00 -14.83
N GLU D 58 -24.70 -18.28 -14.41
CA GLU D 58 -25.48 -17.47 -15.36
C GLU D 58 -24.67 -16.24 -15.83
N TYR D 59 -23.72 -15.73 -14.98
CA TYR D 59 -22.78 -14.67 -15.37
C TYR D 59 -21.85 -15.23 -16.47
N TRP D 60 -21.25 -16.42 -16.23
CA TRP D 60 -20.34 -17.06 -17.18
C TRP D 60 -21.07 -17.49 -18.44
N ASP D 61 -22.37 -17.83 -18.34
CA ASP D 61 -23.20 -18.19 -19.50
C ASP D 61 -23.37 -16.97 -20.44
N GLN D 62 -23.79 -15.81 -19.90
CA GLN D 62 -23.98 -14.57 -20.63
C GLN D 62 -22.65 -14.07 -21.25
N GLU D 63 -21.55 -14.04 -20.47
CA GLU D 63 -20.25 -13.62 -20.99
C GLU D 63 -19.77 -14.51 -22.15
N THR D 64 -19.99 -15.85 -22.05
CA THR D 64 -19.61 -16.78 -23.11
C THR D 64 -20.48 -16.52 -24.34
N ARG D 65 -21.80 -16.36 -24.16
CA ARG D 65 -22.72 -16.09 -25.25
C ARG D 65 -22.27 -14.80 -26.02
N ASN D 66 -22.06 -13.72 -25.28
CA ASN D 66 -21.71 -12.42 -25.86
C ASN D 66 -20.30 -12.38 -26.43
N VAL D 67 -19.31 -13.11 -25.86
CA VAL D 67 -17.94 -13.14 -26.42
C VAL D 67 -17.93 -13.95 -27.72
N LYS D 68 -18.73 -15.01 -27.78
CA LYS D 68 -18.83 -15.81 -29.01
C LYS D 68 -19.63 -15.03 -30.09
N ALA D 69 -20.59 -14.18 -29.69
CA ALA D 69 -21.29 -13.34 -30.69
C ALA D 69 -20.31 -12.30 -31.30
N GLN D 70 -19.34 -11.79 -30.50
CA GLN D 70 -18.33 -10.85 -31.00
C GLN D 70 -17.41 -11.58 -31.98
N SER D 71 -17.02 -12.81 -31.63
CA SER D 71 -16.20 -13.68 -32.47
C SER D 71 -16.87 -13.93 -33.81
N GLN D 72 -18.21 -14.26 -33.83
CA GLN D 72 -18.98 -14.54 -35.07
C GLN D 72 -18.95 -13.28 -35.94
N THR D 73 -19.25 -12.11 -35.31
CA THR D 73 -19.26 -10.82 -36.02
C THR D 73 -17.92 -10.55 -36.70
N ASP D 74 -16.78 -10.71 -35.98
CA ASP D 74 -15.45 -10.49 -36.55
C ASP D 74 -15.12 -11.44 -37.69
N ARG D 75 -15.57 -12.70 -37.62
CA ARG D 75 -15.35 -13.72 -38.67
C ARG D 75 -15.98 -13.24 -40.00
N VAL D 76 -17.24 -12.78 -39.92
CA VAL D 76 -17.98 -12.20 -41.05
C VAL D 76 -17.23 -10.95 -41.53
N ASP D 77 -16.91 -10.01 -40.60
CA ASP D 77 -16.22 -8.76 -40.89
C ASP D 77 -14.88 -8.95 -41.57
N LEU D 78 -14.10 -10.00 -41.23
CA LEU D 78 -12.82 -10.24 -41.95
C LEU D 78 -13.05 -10.45 -43.46
N GLY D 79 -14.12 -11.18 -43.81
CA GLY D 79 -14.50 -11.37 -45.22
C GLY D 79 -14.98 -10.07 -45.85
N THR D 80 -15.82 -9.29 -45.13
CA THR D 80 -16.32 -8.00 -45.61
C THR D 80 -15.16 -7.02 -45.87
N LEU D 81 -14.20 -6.87 -44.93
CA LEU D 81 -13.09 -5.93 -45.09
C LEU D 81 -12.11 -6.36 -46.16
N ARG D 82 -11.98 -7.68 -46.38
CA ARG D 82 -11.16 -8.19 -47.49
C ARG D 82 -11.75 -7.61 -48.83
N GLY D 83 -13.07 -7.63 -48.95
CA GLY D 83 -13.84 -7.08 -50.06
C GLY D 83 -13.71 -5.58 -50.21
N TYR D 84 -13.86 -4.83 -49.09
CA TYR D 84 -13.70 -3.38 -49.13
C TYR D 84 -12.31 -2.99 -49.54
N TYR D 85 -11.26 -3.70 -49.06
CA TYR D 85 -9.89 -3.33 -49.38
C TYR D 85 -9.33 -4.01 -50.63
N ASN D 86 -10.17 -4.74 -51.35
CA ASN D 86 -9.77 -5.40 -52.60
C ASN D 86 -8.55 -6.33 -52.39
N GLN D 87 -8.65 -7.24 -51.41
CA GLN D 87 -7.55 -8.16 -51.10
C GLN D 87 -7.92 -9.57 -51.47
N SER D 88 -6.92 -10.41 -51.78
CA SER D 88 -7.15 -11.81 -52.13
C SER D 88 -7.49 -12.61 -50.87
N GLU D 89 -8.06 -13.81 -51.08
CA GLU D 89 -8.41 -14.79 -50.08
C GLU D 89 -7.19 -15.51 -49.43
N ALA D 90 -5.98 -15.34 -50.00
CA ALA D 90 -4.74 -16.02 -49.60
C ALA D 90 -4.01 -15.48 -48.34
N GLY D 91 -4.00 -14.16 -48.12
CA GLY D 91 -3.27 -13.57 -47.00
C GLY D 91 -4.00 -13.61 -45.67
N SER D 92 -3.23 -13.50 -44.59
CA SER D 92 -3.75 -13.45 -43.23
C SER D 92 -4.05 -11.98 -42.89
N HIS D 93 -5.23 -11.69 -42.34
CA HIS D 93 -5.57 -10.31 -41.92
C HIS D 93 -6.03 -10.26 -40.46
N THR D 94 -6.04 -9.07 -39.85
CA THR D 94 -6.33 -8.92 -38.42
C THR D 94 -7.36 -7.83 -38.16
N ILE D 95 -8.36 -8.12 -37.33
CA ILE D 95 -9.27 -7.10 -36.82
C ILE D 95 -8.96 -6.93 -35.32
N GLN D 96 -8.79 -5.69 -34.86
CA GLN D 96 -8.61 -5.40 -33.43
C GLN D 96 -9.68 -4.41 -33.00
N ILE D 97 -10.26 -4.64 -31.81
CA ILE D 97 -11.33 -3.81 -31.27
C ILE D 97 -11.04 -3.56 -29.82
N MET D 98 -11.24 -2.32 -29.39
CA MET D 98 -11.17 -2.02 -27.97
C MET D 98 -12.40 -1.18 -27.66
N TYR D 99 -13.07 -1.45 -26.54
CA TYR D 99 -14.14 -0.60 -26.06
C TYR D 99 -14.18 -0.59 -24.53
N GLY D 100 -14.78 0.45 -23.97
CA GLY D 100 -14.92 0.52 -22.52
C GLY D 100 -15.26 1.90 -22.03
N CYS D 101 -15.14 2.09 -20.72
CA CYS D 101 -15.52 3.36 -20.11
C CYS D 101 -14.61 3.69 -18.97
N ASP D 102 -14.58 4.96 -18.62
CA ASP D 102 -13.84 5.51 -17.49
C ASP D 102 -14.84 6.13 -16.54
N VAL D 103 -14.61 5.93 -15.24
CA VAL D 103 -15.36 6.52 -14.12
C VAL D 103 -14.40 7.30 -13.23
N GLY D 104 -14.92 8.29 -12.53
CA GLY D 104 -14.12 9.09 -11.61
C GLY D 104 -13.96 8.37 -10.29
N SER D 105 -13.23 8.97 -9.33
CA SER D 105 -13.02 8.32 -8.01
C SER D 105 -14.33 8.16 -7.25
N ASP D 106 -15.35 8.95 -7.59
CA ASP D 106 -16.71 8.90 -7.04
C ASP D 106 -17.66 7.95 -7.83
N GLY D 107 -17.14 7.26 -8.85
CA GLY D 107 -17.95 6.38 -9.68
C GLY D 107 -18.72 7.02 -10.81
N ARG D 108 -18.59 8.34 -11.02
CA ARG D 108 -19.35 9.00 -12.09
C ARG D 108 -18.73 8.72 -13.45
N PHE D 109 -19.56 8.60 -14.51
CA PHE D 109 -19.10 8.42 -15.88
C PHE D 109 -18.23 9.62 -16.30
N LEU D 110 -17.03 9.31 -16.86
CA LEU D 110 -16.10 10.32 -17.39
C LEU D 110 -16.09 10.30 -18.91
N ARG D 111 -15.91 9.10 -19.51
CA ARG D 111 -15.81 8.95 -20.97
C ARG D 111 -16.01 7.49 -21.39
N GLY D 112 -16.47 7.30 -22.60
CA GLY D 112 -16.73 5.99 -23.20
C GLY D 112 -15.96 5.91 -24.49
N TYR D 113 -15.65 4.71 -24.97
CA TYR D 113 -14.89 4.63 -26.22
C TYR D 113 -15.07 3.32 -26.92
N ARG D 114 -14.89 3.34 -28.24
CA ARG D 114 -14.88 2.15 -29.07
C ARG D 114 -13.99 2.49 -30.25
N GLN D 115 -12.91 1.69 -30.47
CA GLN D 115 -11.96 1.95 -31.56
C GLN D 115 -11.69 0.60 -32.24
N ASP D 116 -11.68 0.59 -33.59
CA ASP D 116 -11.48 -0.62 -34.41
C ASP D 116 -10.35 -0.41 -35.36
N ALA D 117 -9.60 -1.50 -35.63
CA ALA D 117 -8.46 -1.46 -36.51
C ALA D 117 -8.53 -2.60 -37.48
N TYR D 118 -7.83 -2.45 -38.59
CA TYR D 118 -7.73 -3.48 -39.61
C TYR D 118 -6.28 -3.53 -40.04
N ASP D 119 -5.65 -4.70 -39.92
CA ASP D 119 -4.25 -4.92 -40.20
C ASP D 119 -3.34 -3.94 -39.47
N GLY D 120 -3.66 -3.65 -38.21
CA GLY D 120 -2.82 -2.78 -37.38
C GLY D 120 -2.93 -1.30 -37.63
N LYS D 121 -3.96 -0.85 -38.39
CA LYS D 121 -4.15 0.58 -38.68
C LYS D 121 -5.58 0.94 -38.31
N ASP D 122 -5.86 2.21 -37.97
CA ASP D 122 -7.23 2.69 -37.68
C ASP D 122 -8.18 2.31 -38.79
N TYR D 123 -9.39 1.89 -38.39
CA TYR D 123 -10.45 1.58 -39.32
C TYR D 123 -11.60 2.58 -39.02
N ILE D 124 -12.22 2.47 -37.85
CA ILE D 124 -13.32 3.35 -37.44
C ILE D 124 -13.28 3.53 -35.92
N ALA D 125 -13.75 4.71 -35.44
CA ALA D 125 -13.84 4.98 -34.01
C ALA D 125 -15.07 5.80 -33.72
N LEU D 126 -15.65 5.58 -32.55
N LEU D 126 -15.63 5.58 -32.52
CA LEU D 126 -16.77 6.36 -32.05
CA LEU D 126 -16.75 6.34 -31.99
C LEU D 126 -16.14 7.62 -31.50
C LEU D 126 -16.11 7.64 -31.51
N ASN D 127 -16.75 8.80 -31.74
CA ASN D 127 -16.20 10.07 -31.27
C ASN D 127 -16.45 10.25 -29.79
N GLU D 128 -15.78 11.20 -29.16
CA GLU D 128 -15.93 11.43 -27.72
C GLU D 128 -17.37 11.73 -27.29
N ASP D 129 -18.17 12.36 -28.18
CA ASP D 129 -19.57 12.68 -27.86
C ASP D 129 -20.49 11.43 -27.84
N LEU D 130 -19.99 10.26 -28.32
CA LEU D 130 -20.73 8.98 -28.39
C LEU D 130 -21.97 9.03 -29.32
N ARG D 131 -21.97 9.99 -30.28
CA ARG D 131 -23.10 10.18 -31.20
C ARG D 131 -22.68 10.03 -32.64
N SER D 132 -21.40 10.18 -32.90
CA SER D 132 -20.88 10.16 -34.26
C SER D 132 -19.62 9.29 -34.37
N TRP D 133 -19.28 8.91 -35.59
CA TRP D 133 -18.13 8.07 -35.92
C TRP D 133 -17.12 8.82 -36.77
N THR D 134 -15.82 8.42 -36.70
CA THR D 134 -14.76 8.91 -37.56
C THR D 134 -14.19 7.69 -38.29
N ALA D 135 -14.39 7.62 -39.61
CA ALA D 135 -13.82 6.53 -40.43
C ALA D 135 -12.42 6.97 -40.88
N ALA D 136 -11.45 6.01 -40.95
CA ALA D 136 -10.05 6.33 -41.28
C ALA D 136 -9.80 6.60 -42.75
N ASP D 137 -10.63 6.03 -43.63
CA ASP D 137 -10.50 6.14 -45.07
C ASP D 137 -11.84 5.94 -45.72
N MET D 138 -11.87 5.90 -47.06
CA MET D 138 -13.10 5.72 -47.83
C MET D 138 -13.72 4.34 -47.73
N ALA D 139 -12.90 3.27 -47.51
CA ALA D 139 -13.48 1.92 -47.33
C ALA D 139 -14.24 1.87 -46.00
N ALA D 140 -13.62 2.37 -44.90
CA ALA D 140 -14.25 2.40 -43.58
C ALA D 140 -15.52 3.27 -43.55
N GLN D 141 -15.65 4.25 -44.49
CA GLN D 141 -16.87 5.07 -44.56
C GLN D 141 -18.08 4.23 -44.92
N ILE D 142 -17.86 3.09 -45.60
CA ILE D 142 -18.94 2.14 -45.94
C ILE D 142 -19.55 1.60 -44.65
N THR D 143 -18.69 1.17 -43.70
CA THR D 143 -19.16 0.70 -42.39
C THR D 143 -19.88 1.88 -41.68
N LYS D 144 -19.29 3.08 -41.67
CA LYS D 144 -19.90 4.25 -40.98
C LYS D 144 -21.33 4.48 -41.46
N ARG D 145 -21.56 4.44 -42.80
CA ARG D 145 -22.91 4.60 -43.36
C ARG D 145 -23.86 3.55 -42.87
N LYS D 146 -23.42 2.28 -42.84
CA LYS D 146 -24.26 1.17 -42.36
C LYS D 146 -24.61 1.38 -40.86
N TRP D 147 -23.62 1.77 -40.06
CA TRP D 147 -23.86 1.98 -38.62
C TRP D 147 -24.73 3.20 -38.38
N GLU D 148 -24.60 4.23 -39.20
CA GLU D 148 -25.45 5.43 -39.09
C GLU D 148 -26.91 5.07 -39.43
N ALA D 149 -27.13 4.28 -40.52
CA ALA D 149 -28.48 3.81 -40.92
C ALA D 149 -29.10 2.93 -39.85
N ALA D 150 -28.30 2.08 -39.18
CA ALA D 150 -28.79 1.17 -38.15
C ALA D 150 -28.91 1.78 -36.75
N HIS D 151 -28.50 3.05 -36.56
CA HIS D 151 -28.53 3.73 -35.25
C HIS D 151 -27.69 2.96 -34.21
N GLU D 152 -26.54 2.47 -34.65
CA GLU D 152 -25.62 1.69 -33.83
C GLU D 152 -25.02 2.53 -32.69
N ALA D 153 -24.71 3.82 -32.94
CA ALA D 153 -24.13 4.69 -31.91
C ALA D 153 -25.05 4.81 -30.69
N GLU D 154 -26.37 4.92 -30.90
CA GLU D 154 -27.39 4.98 -29.83
C GLU D 154 -27.35 3.73 -28.95
N GLN D 155 -27.27 2.54 -29.57
CA GLN D 155 -27.20 1.26 -28.87
C GLN D 155 -25.87 1.18 -28.08
N LEU D 156 -24.75 1.47 -28.75
CA LEU D 156 -23.42 1.43 -28.11
C LEU D 156 -23.31 2.44 -26.99
N ARG D 157 -23.85 3.66 -27.18
CA ARG D 157 -23.79 4.71 -26.18
C ARG D 157 -24.47 4.29 -24.88
N ALA D 158 -25.63 3.63 -24.97
CA ALA D 158 -26.39 3.16 -23.80
C ALA D 158 -25.53 2.17 -22.97
N TYR D 159 -24.73 1.34 -23.64
CA TYR D 159 -23.85 0.40 -22.95
C TYR D 159 -22.67 1.17 -22.33
N LEU D 160 -22.00 2.01 -23.14
CA LEU D 160 -20.81 2.74 -22.69
C LEU D 160 -21.05 3.67 -21.51
N ASP D 161 -22.18 4.42 -21.48
CA ASP D 161 -22.40 5.35 -20.36
C ASP D 161 -23.39 4.86 -19.35
N GLY D 162 -23.89 3.64 -19.54
CA GLY D 162 -24.83 3.04 -18.62
C GLY D 162 -24.32 1.73 -18.07
N THR D 163 -24.55 0.62 -18.81
CA THR D 163 -24.19 -0.74 -18.39
C THR D 163 -22.71 -0.85 -17.98
N CYS D 164 -21.80 -0.41 -18.85
CA CYS D 164 -20.36 -0.48 -18.64
C CYS D 164 -19.99 0.20 -17.30
N VAL D 165 -20.56 1.40 -17.06
CA VAL D 165 -20.36 2.20 -15.87
C VAL D 165 -20.79 1.48 -14.62
N GLU D 166 -22.03 0.95 -14.63
CA GLU D 166 -22.55 0.23 -13.48
C GLU D 166 -21.75 -1.02 -13.16
N TRP D 167 -21.35 -1.79 -14.16
CA TRP D 167 -20.56 -3.00 -13.89
C TRP D 167 -19.15 -2.68 -13.42
N LEU D 168 -18.56 -1.59 -13.96
CA LEU D 168 -17.25 -1.15 -13.51
C LEU D 168 -17.35 -0.79 -12.00
N ARG D 169 -18.43 -0.11 -11.58
CA ARG D 169 -18.67 0.22 -10.17
C ARG D 169 -18.84 -1.06 -9.35
N ARG D 170 -19.52 -2.07 -9.90
CA ARG D 170 -19.68 -3.35 -9.19
C ARG D 170 -18.36 -4.08 -9.02
N TYR D 171 -17.52 -4.14 -10.08
CA TYR D 171 -16.22 -4.83 -10.00
C TYR D 171 -15.30 -4.11 -9.04
N LEU D 172 -15.26 -2.77 -9.10
CA LEU D 172 -14.42 -1.98 -8.19
C LEU D 172 -14.76 -2.24 -6.73
N GLU D 173 -16.06 -2.40 -6.42
CA GLU D 173 -16.56 -2.74 -5.09
C GLU D 173 -16.20 -4.21 -4.72
N ASN D 174 -16.56 -5.21 -5.57
CA ASN D 174 -16.28 -6.64 -5.34
C ASN D 174 -14.78 -6.94 -5.23
N GLY D 175 -13.96 -6.22 -5.98
CA GLY D 175 -12.52 -6.43 -5.96
C GLY D 175 -11.74 -5.35 -5.25
N LYS D 176 -12.39 -4.60 -4.35
CA LYS D 176 -11.80 -3.43 -3.68
C LYS D 176 -10.47 -3.70 -2.98
N GLU D 177 -10.30 -4.90 -2.40
CA GLU D 177 -9.07 -5.30 -1.71
C GLU D 177 -7.83 -5.18 -2.58
N THR D 178 -7.95 -5.62 -3.86
CA THR D 178 -6.85 -5.60 -4.81
C THR D 178 -6.90 -4.44 -5.84
N LEU D 179 -8.11 -4.01 -6.26
CA LEU D 179 -8.22 -2.94 -7.28
C LEU D 179 -7.95 -1.53 -6.78
N GLN D 180 -8.34 -1.22 -5.55
CA GLN D 180 -8.16 0.11 -4.98
C GLN D 180 -6.74 0.34 -4.40
N ARG D 181 -5.80 -0.59 -4.67
CA ARG D 181 -4.42 -0.51 -4.20
C ARG D 181 -3.57 0.37 -5.12
N THR D 182 -2.58 1.03 -4.53
CA THR D 182 -1.59 1.82 -5.26
C THR D 182 -0.27 1.35 -4.65
N ASP D 183 0.58 0.67 -5.45
CA ASP D 183 1.90 0.21 -5.01
C ASP D 183 2.90 1.22 -5.53
N PRO D 184 3.57 2.00 -4.65
CA PRO D 184 4.54 3.00 -5.17
C PRO D 184 5.82 2.32 -5.71
N PRO D 185 6.54 2.97 -6.64
CA PRO D 185 7.76 2.34 -7.16
C PRO D 185 8.89 2.28 -6.12
N LYS D 186 9.61 1.15 -6.06
CA LYS D 186 10.82 1.03 -5.24
C LYS D 186 11.89 1.50 -6.25
N THR D 187 12.62 2.57 -5.92
CA THR D 187 13.59 3.10 -6.88
C THR D 187 15.04 3.01 -6.44
N HIS D 188 15.96 2.89 -7.42
CA HIS D 188 17.42 2.87 -7.21
C HIS D 188 18.11 3.21 -8.51
N MET D 189 19.43 3.49 -8.42
CA MET D 189 20.30 3.81 -9.55
C MET D 189 21.50 2.83 -9.61
N THR D 190 21.88 2.44 -10.82
CA THR D 190 23.05 1.58 -11.07
C THR D 190 24.08 2.35 -11.92
N HIS D 191 25.36 1.92 -11.85
CA HIS D 191 26.46 2.57 -12.55
C HIS D 191 27.29 1.52 -13.18
N HIS D 192 27.47 1.66 -14.50
CA HIS D 192 28.13 0.67 -15.35
C HIS D 192 29.11 1.31 -16.33
N PRO D 193 30.43 1.30 -16.01
CA PRO D 193 31.42 1.81 -16.98
C PRO D 193 31.32 1.10 -18.34
N ILE D 194 31.39 1.87 -19.41
CA ILE D 194 31.38 1.32 -20.79
C ILE D 194 32.81 1.39 -21.38
N SER D 195 33.68 2.17 -20.72
CA SER D 195 35.09 2.38 -21.06
C SER D 195 35.75 3.05 -19.85
N ASP D 196 37.01 3.54 -20.03
CA ASP D 196 37.75 4.28 -19.00
C ASP D 196 37.21 5.68 -18.86
N HIS D 197 36.48 6.17 -19.86
CA HIS D 197 36.02 7.55 -19.93
C HIS D 197 34.52 7.75 -19.81
N GLU D 198 33.72 6.67 -19.90
CA GLU D 198 32.25 6.82 -19.85
C GLU D 198 31.60 5.72 -19.07
N ALA D 199 30.42 6.04 -18.52
CA ALA D 199 29.64 5.07 -17.76
C ALA D 199 28.15 5.26 -18.01
N THR D 200 27.39 4.17 -17.92
CA THR D 200 25.93 4.21 -18.00
C THR D 200 25.35 4.41 -16.59
N LEU D 201 24.51 5.44 -16.40
CA LEU D 201 23.72 5.58 -15.19
C LEU D 201 22.30 5.04 -15.54
N ARG D 202 21.79 4.05 -14.79
CA ARG D 202 20.47 3.48 -15.04
C ARG D 202 19.57 3.68 -13.81
N CYS D 203 18.47 4.39 -14.02
CA CYS D 203 17.49 4.63 -12.99
C CYS D 203 16.38 3.61 -13.07
N TRP D 204 16.12 2.91 -11.96
CA TRP D 204 15.14 1.85 -11.84
C TRP D 204 13.90 2.23 -11.05
N ALA D 205 12.76 1.65 -11.43
CA ALA D 205 11.46 1.77 -10.76
C ALA D 205 10.87 0.37 -10.80
N LEU D 206 10.64 -0.22 -9.61
CA LEU D 206 10.17 -1.59 -9.52
C LEU D 206 8.94 -1.75 -8.59
N GLY D 207 8.17 -2.80 -8.82
CA GLY D 207 7.02 -3.16 -8.00
C GLY D 207 5.90 -2.14 -7.92
N PHE D 208 5.73 -1.31 -8.97
CA PHE D 208 4.69 -0.28 -8.93
C PHE D 208 3.37 -0.71 -9.60
N TYR D 209 2.25 -0.11 -9.13
CA TYR D 209 0.90 -0.32 -9.68
C TYR D 209 0.11 0.91 -9.32
N PRO D 210 -0.64 1.57 -10.25
CA PRO D 210 -0.84 1.27 -11.69
C PRO D 210 0.43 1.38 -12.54
N ALA D 211 0.36 0.91 -13.80
CA ALA D 211 1.48 0.92 -14.74
C ALA D 211 1.97 2.30 -15.13
N GLU D 212 1.11 3.32 -15.11
CA GLU D 212 1.50 4.68 -15.51
C GLU D 212 2.61 5.25 -14.61
N ILE D 213 3.71 5.71 -15.21
CA ILE D 213 4.86 6.26 -14.51
C ILE D 213 5.59 7.20 -15.45
N THR D 214 6.37 8.12 -14.90
CA THR D 214 7.25 8.97 -15.69
C THR D 214 8.66 8.91 -15.09
N LEU D 215 9.68 8.56 -15.91
CA LEU D 215 11.09 8.54 -15.55
C LEU D 215 11.76 9.54 -16.47
N THR D 216 12.39 10.58 -15.90
CA THR D 216 13.06 11.61 -16.67
C THR D 216 14.48 11.87 -16.15
N TRP D 217 15.45 11.98 -17.06
CA TRP D 217 16.83 12.33 -16.71
C TRP D 217 17.03 13.80 -16.98
N GLN D 218 17.72 14.48 -16.05
CA GLN D 218 18.08 15.89 -16.18
C GLN D 218 19.60 16.04 -15.98
N ARG D 219 20.23 17.00 -16.68
CA ARG D 219 21.65 17.34 -16.49
C ARG D 219 21.68 18.84 -16.20
N ASP D 220 22.06 19.21 -14.96
CA ASP D 220 22.07 20.58 -14.43
C ASP D 220 20.65 21.20 -14.60
N GLY D 221 19.63 20.40 -14.28
CA GLY D 221 18.24 20.79 -14.38
C GLY D 221 17.69 20.94 -15.79
N GLU D 222 18.44 20.48 -16.81
CA GLU D 222 18.03 20.55 -18.23
C GLU D 222 17.65 19.14 -18.69
N ASP D 223 16.54 19.00 -19.43
CA ASP D 223 16.03 17.70 -19.89
C ASP D 223 16.98 17.00 -20.87
N GLN D 224 17.24 15.71 -20.58
CA GLN D 224 18.14 14.87 -21.36
C GLN D 224 17.41 14.02 -22.41
N THR D 225 16.33 14.60 -22.98
CA THR D 225 15.52 14.01 -24.05
C THR D 225 16.39 13.92 -25.31
N GLN D 226 16.34 12.76 -25.99
CA GLN D 226 17.10 12.36 -27.19
C GLN D 226 18.45 11.69 -26.84
N ASP D 227 18.84 11.70 -25.53
CA ASP D 227 20.07 11.05 -25.05
C ASP D 227 19.77 9.91 -24.06
N THR D 228 18.49 9.79 -23.67
CA THR D 228 17.98 8.81 -22.75
C THR D 228 17.54 7.55 -23.46
N GLU D 229 17.95 6.39 -22.93
CA GLU D 229 17.44 5.13 -23.41
C GLU D 229 16.33 4.80 -22.43
N LEU D 230 15.09 4.76 -22.91
CA LEU D 230 13.94 4.49 -22.07
C LEU D 230 13.32 3.19 -22.54
N VAL D 231 13.13 2.22 -21.63
CA VAL D 231 12.52 0.94 -22.04
C VAL D 231 11.01 1.03 -21.82
N GLU D 232 10.22 0.17 -22.50
CA GLU D 232 8.76 0.13 -22.29
C GLU D 232 8.47 -0.41 -20.92
N THR D 233 7.43 0.10 -20.26
CA THR D 233 6.99 -0.39 -18.96
C THR D 233 6.63 -1.86 -19.15
N ARG D 234 7.09 -2.71 -18.25
CA ARG D 234 6.92 -4.14 -18.43
C ARG D 234 6.29 -4.80 -17.24
N PRO D 235 5.52 -5.88 -17.43
CA PRO D 235 4.90 -6.53 -16.29
C PRO D 235 5.88 -7.43 -15.50
N ALA D 236 5.81 -7.40 -14.16
CA ALA D 236 6.69 -8.29 -13.37
C ALA D 236 6.11 -9.71 -13.37
N GLY D 237 4.80 -9.81 -13.54
CA GLY D 237 4.09 -11.09 -13.55
C GLY D 237 3.32 -11.36 -12.28
N ASP D 238 3.41 -10.44 -11.30
CA ASP D 238 2.75 -10.58 -10.00
C ASP D 238 1.71 -9.48 -9.77
N GLY D 239 1.37 -8.76 -10.84
CA GLY D 239 0.42 -7.65 -10.78
C GLY D 239 1.08 -6.29 -10.65
N THR D 240 2.43 -6.25 -10.62
CA THR D 240 3.18 -4.98 -10.54
C THR D 240 3.96 -4.78 -11.84
N PHE D 241 4.54 -3.59 -12.01
CA PHE D 241 5.27 -3.24 -13.22
C PHE D 241 6.69 -2.79 -12.92
N GLN D 242 7.51 -2.67 -13.98
CA GLN D 242 8.91 -2.24 -13.91
C GLN D 242 9.22 -1.35 -15.08
N LYS D 243 10.19 -0.45 -14.88
CA LYS D 243 10.70 0.42 -15.92
C LYS D 243 12.09 0.92 -15.55
N TRP D 244 12.91 1.21 -16.57
CA TRP D 244 14.19 1.85 -16.36
C TRP D 244 14.47 2.86 -17.45
N ALA D 245 15.32 3.84 -17.14
CA ALA D 245 15.77 4.90 -18.03
C ALA D 245 17.28 5.03 -17.79
N ALA D 246 18.07 5.06 -18.88
CA ALA D 246 19.54 5.13 -18.79
C ALA D 246 20.10 6.28 -19.58
N VAL D 247 21.26 6.78 -19.15
CA VAL D 247 22.01 7.86 -19.77
C VAL D 247 23.52 7.51 -19.72
N VAL D 248 24.25 7.80 -20.82
CA VAL D 248 25.69 7.56 -20.93
C VAL D 248 26.35 8.87 -20.55
N VAL D 249 27.19 8.85 -19.52
CA VAL D 249 27.77 10.07 -18.99
C VAL D 249 29.32 10.02 -19.00
N PRO D 250 30.01 11.16 -19.02
CA PRO D 250 31.48 11.13 -18.92
C PRO D 250 31.87 10.81 -17.46
N SER D 251 32.90 9.98 -17.26
CA SER D 251 33.36 9.63 -15.92
C SER D 251 33.81 10.89 -15.21
N GLY D 252 33.41 11.00 -13.95
CA GLY D 252 33.67 12.17 -13.13
C GLY D 252 32.57 13.20 -13.18
N GLU D 253 31.56 13.01 -14.06
CA GLU D 253 30.45 13.95 -14.22
C GLU D 253 29.08 13.42 -13.71
N GLU D 254 29.06 12.26 -13.05
CA GLU D 254 27.85 11.59 -12.53
C GLU D 254 26.94 12.47 -11.68
N GLN D 255 27.54 13.31 -10.81
CA GLN D 255 26.81 14.21 -9.91
C GLN D 255 26.01 15.31 -10.64
N ARG D 256 26.25 15.53 -11.94
CA ARG D 256 25.54 16.53 -12.73
C ARG D 256 24.14 16.04 -13.18
N TYR D 257 23.91 14.71 -13.08
CA TYR D 257 22.69 14.08 -13.55
C TYR D 257 21.72 13.73 -12.43
N THR D 258 20.42 13.90 -12.71
CA THR D 258 19.38 13.53 -11.76
C THR D 258 18.28 12.75 -12.46
N CYS D 259 17.73 11.78 -11.77
CA CYS D 259 16.61 11.03 -12.32
C CYS D 259 15.34 11.38 -11.53
N HIS D 260 14.27 11.72 -12.27
CA HIS D 260 12.99 12.14 -11.70
C HIS D 260 11.89 11.12 -11.95
N VAL D 261 11.25 10.66 -10.86
CA VAL D 261 10.21 9.60 -10.88
C VAL D 261 8.87 10.19 -10.45
N GLN D 262 7.85 10.02 -11.29
CA GLN D 262 6.49 10.49 -11.00
C GLN D 262 5.58 9.28 -11.13
N HIS D 263 4.77 9.04 -10.10
CA HIS D 263 3.79 7.97 -9.97
C HIS D 263 2.77 8.37 -8.91
N GLU D 264 1.51 7.99 -9.12
CA GLU D 264 0.40 8.30 -8.21
C GLU D 264 0.59 7.77 -6.77
N GLY D 265 1.42 6.75 -6.58
CA GLY D 265 1.71 6.17 -5.28
C GLY D 265 2.75 6.95 -4.49
N LEU D 266 3.35 7.98 -5.13
CA LEU D 266 4.38 8.84 -4.53
C LEU D 266 3.74 10.18 -4.16
N PRO D 267 3.65 10.50 -2.83
CA PRO D 267 3.07 11.79 -2.43
C PRO D 267 3.85 12.98 -3.00
N LYS D 268 5.15 12.79 -3.19
CA LYS D 268 6.04 13.79 -3.74
C LYS D 268 6.87 13.13 -4.85
N PRO D 269 7.06 13.77 -6.02
CA PRO D 269 7.94 13.16 -7.05
C PRO D 269 9.36 12.97 -6.48
N LEU D 270 10.07 11.94 -6.96
CA LEU D 270 11.40 11.62 -6.45
C LEU D 270 12.50 12.16 -7.30
N THR D 271 13.64 12.48 -6.68
CA THR D 271 14.87 12.88 -7.35
C THR D 271 15.97 11.95 -6.85
N LEU D 272 16.56 11.21 -7.79
CA LEU D 272 17.63 10.26 -7.51
C LEU D 272 18.90 10.90 -8.03
N ARG D 273 20.00 10.78 -7.28
CA ARG D 273 21.29 11.32 -7.70
C ARG D 273 22.39 10.30 -7.40
N TRP D 274 23.33 10.12 -8.36
CA TRP D 274 24.50 9.28 -8.14
C TRP D 274 25.44 10.16 -7.31
N GLU D 275 25.52 9.86 -6.03
CA GLU D 275 26.37 10.69 -5.14
C GLU D 275 27.67 9.96 -4.86
N LEU D 276 28.79 10.58 -5.24
CA LEU D 276 30.12 9.98 -5.00
C LEU D 276 30.82 10.74 -3.86
N SER D 277 31.96 10.24 -3.34
CA SER D 277 32.85 10.91 -2.33
C SER D 277 33.38 9.88 -1.33
N ILE E 2 2.82 -1.54 -42.13
CA ILE E 2 2.20 -2.89 -42.28
C ILE E 2 2.92 -3.85 -41.31
N GLN E 3 4.23 -3.71 -41.14
CA GLN E 3 4.94 -4.71 -40.30
C GLN E 3 5.84 -4.06 -39.25
N ARG E 4 5.60 -4.38 -37.99
CA ARG E 4 6.49 -3.93 -36.88
CA ARG E 4 6.50 -3.89 -36.83
C ARG E 4 7.30 -5.04 -36.08
N THR E 5 8.57 -4.72 -35.88
CA THR E 5 9.46 -5.70 -35.26
C THR E 5 9.30 -5.74 -33.73
N PRO E 6 9.39 -6.92 -33.08
CA PRO E 6 9.27 -6.96 -31.61
C PRO E 6 10.42 -6.31 -30.86
N LYS E 7 10.09 -5.61 -29.77
CA LYS E 7 11.03 -5.05 -28.81
C LYS E 7 11.12 -6.18 -27.77
N ILE E 8 12.32 -6.58 -27.37
CA ILE E 8 12.45 -7.77 -26.49
C ILE E 8 13.17 -7.37 -25.22
N GLN E 9 12.60 -7.75 -24.06
CA GLN E 9 13.24 -7.51 -22.75
C GLN E 9 13.23 -8.83 -22.00
N VAL E 10 14.40 -9.22 -21.48
CA VAL E 10 14.59 -10.48 -20.72
C VAL E 10 14.99 -10.05 -19.31
N TYR E 11 14.26 -10.53 -18.28
CA TYR E 11 14.46 -10.05 -16.91
C TYR E 11 13.81 -10.98 -15.89
N SER E 12 14.14 -10.83 -14.61
CA SER E 12 13.54 -11.65 -13.57
C SER E 12 12.40 -10.87 -12.87
N ARG E 13 11.39 -11.58 -12.36
CA ARG E 13 10.27 -10.96 -11.64
C ARG E 13 10.82 -10.17 -10.45
N HIS E 14 11.68 -10.82 -9.63
CA HIS E 14 12.32 -10.19 -8.47
C HIS E 14 13.83 -10.06 -8.71
N PRO E 15 14.54 -9.13 -8.01
CA PRO E 15 16.02 -9.06 -8.18
C PRO E 15 16.66 -10.46 -7.96
N ALA E 16 17.57 -10.84 -8.87
CA ALA E 16 18.22 -12.15 -8.91
C ALA E 16 19.10 -12.47 -7.70
N GLU E 17 18.85 -13.65 -7.11
CA GLU E 17 19.59 -14.18 -5.97
C GLU E 17 19.82 -15.66 -6.20
N ASN E 18 21.10 -16.04 -6.41
CA ASN E 18 21.44 -17.45 -6.67
C ASN E 18 20.84 -18.40 -5.61
N GLY E 19 20.26 -19.50 -6.07
CA GLY E 19 19.62 -20.50 -5.21
C GLY E 19 18.23 -20.19 -4.68
N LYS E 20 17.64 -19.03 -5.05
CA LYS E 20 16.32 -18.60 -4.61
C LYS E 20 15.34 -18.58 -5.80
N SER E 21 14.19 -19.34 -5.69
CA SER E 21 13.18 -19.42 -6.73
C SER E 21 12.67 -18.04 -7.13
N ASN E 22 12.44 -17.87 -8.42
CA ASN E 22 12.06 -16.59 -9.00
C ASN E 22 11.32 -16.88 -10.31
N PHE E 23 11.10 -15.86 -11.12
CA PHE E 23 10.45 -16.07 -12.41
C PHE E 23 11.29 -15.42 -13.48
N LEU E 24 11.52 -16.16 -14.57
CA LEU E 24 12.30 -15.60 -15.69
C LEU E 24 11.25 -15.09 -16.68
N ASN E 25 11.35 -13.82 -17.05
CA ASN E 25 10.40 -13.17 -17.96
C ASN E 25 10.98 -12.80 -19.30
N CYS E 26 10.19 -12.97 -20.35
CA CYS E 26 10.52 -12.42 -21.65
C CYS E 26 9.31 -11.64 -22.17
N TYR E 27 9.43 -10.33 -22.19
CA TYR E 27 8.35 -9.46 -22.63
C TYR E 27 8.66 -9.00 -24.06
N VAL E 28 7.74 -9.30 -24.99
CA VAL E 28 7.83 -8.93 -26.39
C VAL E 28 6.70 -7.95 -26.69
N SER E 29 7.06 -6.78 -27.19
CA SER E 29 6.07 -5.72 -27.42
C SER E 29 6.31 -4.99 -28.74
N GLY E 30 5.33 -4.15 -29.13
CA GLY E 30 5.42 -3.33 -30.32
C GLY E 30 5.46 -4.04 -31.64
N PHE E 31 4.98 -5.28 -31.71
CA PHE E 31 5.04 -6.04 -32.95
C PHE E 31 3.70 -6.17 -33.69
N HIS E 32 3.81 -6.37 -35.00
CA HIS E 32 2.67 -6.61 -35.89
C HIS E 32 3.21 -7.29 -37.13
N PRO E 33 2.60 -8.38 -37.65
CA PRO E 33 1.42 -9.12 -37.18
C PRO E 33 1.62 -9.88 -35.86
N SER E 34 0.56 -10.48 -35.31
CA SER E 34 0.53 -11.12 -33.99
C SER E 34 1.30 -12.46 -33.89
N ASP E 35 1.45 -13.18 -35.03
CA ASP E 35 2.19 -14.45 -35.08
C ASP E 35 3.62 -14.26 -34.65
N ILE E 36 3.98 -14.94 -33.57
CA ILE E 36 5.31 -14.80 -33.00
C ILE E 36 5.73 -16.11 -32.37
N GLU E 37 7.05 -16.38 -32.39
CA GLU E 37 7.63 -17.57 -31.78
C GLU E 37 8.55 -17.10 -30.69
N VAL E 38 8.28 -17.53 -29.44
CA VAL E 38 9.10 -17.10 -28.32
C VAL E 38 9.49 -18.31 -27.50
N ASP E 39 10.80 -18.46 -27.23
CA ASP E 39 11.31 -19.54 -26.39
C ASP E 39 12.21 -18.99 -25.36
N LEU E 40 12.15 -19.57 -24.16
CA LEU E 40 13.07 -19.23 -23.10
C LEU E 40 14.13 -20.34 -23.14
N LEU E 41 15.39 -19.97 -23.07
CA LEU E 41 16.50 -20.93 -23.17
C LEU E 41 17.33 -20.95 -21.90
N LYS E 42 17.81 -22.14 -21.54
CA LYS E 42 18.71 -22.37 -20.41
C LYS E 42 19.94 -23.04 -21.02
N ASN E 43 21.08 -22.36 -20.97
CA ASN E 43 22.36 -22.85 -21.53
C ASN E 43 22.21 -23.28 -22.99
N GLY E 44 21.41 -22.50 -23.75
CA GLY E 44 21.13 -22.72 -25.16
C GLY E 44 20.02 -23.71 -25.48
N GLU E 45 19.45 -24.36 -24.45
CA GLU E 45 18.39 -25.38 -24.66
C GLU E 45 17.00 -24.84 -24.32
N ARG E 46 16.01 -25.16 -25.16
CA ARG E 46 14.63 -24.69 -24.96
C ARG E 46 14.03 -25.21 -23.64
N ILE E 47 13.49 -24.27 -22.80
CA ILE E 47 12.81 -24.63 -21.53
C ILE E 47 11.42 -25.12 -21.91
N GLU E 48 10.97 -26.21 -21.29
CA GLU E 48 9.69 -26.84 -21.63
C GLU E 48 8.45 -26.27 -20.95
N LYS E 49 8.52 -25.88 -19.68
CA LYS E 49 7.26 -25.44 -19.07
C LYS E 49 7.17 -23.92 -19.00
N VAL E 50 6.94 -23.33 -20.18
CA VAL E 50 6.85 -21.88 -20.33
C VAL E 50 5.39 -21.48 -20.58
N GLU E 51 4.88 -20.60 -19.74
CA GLU E 51 3.51 -20.08 -19.86
C GLU E 51 3.57 -18.68 -20.52
N HIS E 52 2.44 -18.20 -21.00
CA HIS E 52 2.40 -16.86 -21.58
C HIS E 52 1.06 -16.18 -21.34
N SER E 53 1.06 -14.85 -21.27
CA SER E 53 -0.15 -14.02 -21.07
C SER E 53 -1.09 -14.13 -22.28
N ASP E 54 -2.31 -13.62 -22.14
CA ASP E 54 -3.23 -13.63 -23.27
C ASP E 54 -2.89 -12.45 -24.19
N LEU E 55 -2.84 -12.69 -25.50
CA LEU E 55 -2.53 -11.63 -26.48
C LEU E 55 -3.40 -10.40 -26.26
N SER E 56 -2.75 -9.25 -26.24
CA SER E 56 -3.39 -7.95 -26.11
C SER E 56 -2.58 -6.91 -26.85
N PHE E 57 -3.04 -5.67 -26.90
CA PHE E 57 -2.35 -4.66 -27.72
C PHE E 57 -2.37 -3.27 -27.11
N SER E 58 -1.40 -2.45 -27.52
CA SER E 58 -1.22 -1.08 -27.04
C SER E 58 -2.08 -0.10 -27.86
N LYS E 59 -2.11 1.19 -27.45
CA LYS E 59 -2.84 2.28 -28.13
C LYS E 59 -2.52 2.36 -29.64
N ASP E 60 -1.26 2.11 -30.05
CA ASP E 60 -0.88 2.13 -31.48
C ASP E 60 -1.24 0.86 -32.23
N TRP E 61 -2.00 -0.06 -31.59
CA TRP E 61 -2.45 -1.33 -32.16
C TRP E 61 -1.37 -2.42 -32.12
N SER E 62 -0.13 -2.07 -31.74
CA SER E 62 0.96 -3.06 -31.67
C SER E 62 0.74 -4.04 -30.51
N PHE E 63 1.02 -5.32 -30.76
CA PHE E 63 0.79 -6.41 -29.81
C PHE E 63 1.89 -6.56 -28.76
N TYR E 64 1.52 -7.18 -27.63
CA TYR E 64 2.47 -7.50 -26.57
C TYR E 64 2.15 -8.82 -25.93
N LEU E 65 3.21 -9.51 -25.46
CA LEU E 65 3.07 -10.82 -24.83
C LEU E 65 4.13 -10.98 -23.77
N LEU E 66 3.77 -11.60 -22.65
CA LEU E 66 4.71 -11.97 -21.58
C LEU E 66 4.85 -13.49 -21.57
N TYR E 67 6.08 -13.97 -21.72
CA TYR E 67 6.43 -15.39 -21.64
C TYR E 67 7.21 -15.53 -20.33
N TYR E 68 6.88 -16.52 -19.52
CA TYR E 68 7.48 -16.67 -18.22
C TYR E 68 7.54 -18.13 -17.72
N THR E 69 8.50 -18.39 -16.85
CA THR E 69 8.70 -19.70 -16.23
C THR E 69 9.32 -19.50 -14.86
N GLU E 70 9.01 -20.40 -13.93
CA GLU E 70 9.64 -20.34 -12.61
C GLU E 70 11.04 -20.92 -12.84
N PHE E 71 12.04 -20.31 -12.21
CA PHE E 71 13.42 -20.78 -12.29
C PHE E 71 14.15 -20.41 -11.01
N THR E 72 15.31 -21.05 -10.76
CA THR E 72 16.16 -20.75 -9.62
C THR E 72 17.49 -20.38 -10.25
N PRO E 73 17.88 -19.10 -10.31
CA PRO E 73 19.15 -18.75 -10.93
C PRO E 73 20.32 -19.34 -10.16
N THR E 74 21.46 -19.54 -10.85
CA THR E 74 22.76 -20.01 -10.35
C THR E 74 23.81 -19.12 -11.02
N GLU E 75 25.05 -19.12 -10.53
CA GLU E 75 26.13 -18.30 -11.09
C GLU E 75 26.51 -18.74 -12.52
N LYS E 76 26.48 -20.06 -12.76
CA LYS E 76 26.89 -20.71 -14.01
C LYS E 76 25.84 -20.76 -15.10
N ASP E 77 24.55 -20.91 -14.73
CA ASP E 77 23.49 -21.04 -15.73
C ASP E 77 23.23 -19.75 -16.48
N GLU E 78 23.28 -19.80 -17.81
CA GLU E 78 23.01 -18.66 -18.70
C GLU E 78 21.60 -18.82 -19.27
N TYR E 79 20.83 -17.73 -19.25
CA TYR E 79 19.46 -17.75 -19.72
C TYR E 79 19.28 -16.75 -20.85
N ALA E 80 18.39 -17.05 -21.77
CA ALA E 80 18.13 -16.18 -22.92
C ALA E 80 16.71 -16.31 -23.39
N CYS E 81 16.30 -15.35 -24.22
CA CYS E 81 15.02 -15.45 -24.88
C CYS E 81 15.26 -15.47 -26.38
N ARG E 82 14.66 -16.41 -27.09
CA ARG E 82 14.81 -16.51 -28.53
C ARG E 82 13.48 -16.20 -29.20
N VAL E 83 13.49 -15.16 -30.05
CA VAL E 83 12.27 -14.68 -30.70
C VAL E 83 12.33 -14.77 -32.22
N ASN E 84 11.30 -15.37 -32.83
CA ASN E 84 11.17 -15.39 -34.28
C ASN E 84 9.88 -14.63 -34.71
N HIS E 85 9.99 -13.80 -35.76
CA HIS E 85 8.87 -12.99 -36.28
C HIS E 85 9.15 -12.78 -37.78
N VAL E 86 8.12 -12.42 -38.58
CA VAL E 86 8.25 -12.18 -40.03
C VAL E 86 9.30 -11.10 -40.34
N THR E 87 9.41 -10.08 -39.48
CA THR E 87 10.32 -8.94 -39.64
C THR E 87 11.80 -9.25 -39.42
N LEU E 88 12.12 -10.46 -38.89
CA LEU E 88 13.52 -10.86 -38.59
C LEU E 88 14.11 -11.82 -39.63
N SER E 89 15.38 -11.57 -40.06
CA SER E 89 16.10 -12.44 -41.02
C SER E 89 16.39 -13.80 -40.38
N GLN E 90 16.73 -13.77 -39.07
CA GLN E 90 16.96 -14.97 -38.26
C GLN E 90 16.36 -14.77 -36.85
N PRO E 91 16.03 -15.86 -36.11
CA PRO E 91 15.58 -15.68 -34.72
C PRO E 91 16.61 -14.87 -33.94
N LYS E 92 16.09 -13.90 -33.20
CA LYS E 92 16.88 -12.98 -32.41
C LYS E 92 17.04 -13.60 -31.01
N ILE E 93 18.25 -13.57 -30.46
CA ILE E 93 18.49 -14.11 -29.13
C ILE E 93 18.94 -12.98 -28.23
N VAL E 94 18.19 -12.76 -27.16
CA VAL E 94 18.56 -11.73 -26.21
C VAL E 94 18.92 -12.47 -24.90
N LYS E 95 20.16 -12.29 -24.47
CA LYS E 95 20.65 -12.93 -23.25
C LYS E 95 20.15 -12.20 -22.02
N TRP E 96 19.79 -12.95 -20.97
CA TRP E 96 19.43 -12.35 -19.70
C TRP E 96 20.68 -11.75 -19.05
N ASP E 97 20.61 -10.48 -18.74
CA ASP E 97 21.67 -9.72 -18.11
C ASP E 97 21.09 -9.15 -16.79
N ARG E 98 21.62 -9.56 -15.60
CA ARG E 98 21.17 -9.09 -14.27
C ARG E 98 21.09 -7.55 -14.11
N ASP E 99 21.99 -6.80 -14.82
CA ASP E 99 22.16 -5.34 -14.85
C ASP E 99 21.02 -4.60 -15.60
N MET E 100 20.22 -5.35 -16.39
CA MET E 100 19.08 -4.91 -17.18
C MET E 100 17.85 -5.75 -16.80
N ILE F 1 -19.10 -6.45 -17.58
CA ILE F 1 -19.68 -7.35 -18.54
C ILE F 1 -19.52 -6.79 -19.98
N LEU F 2 -19.49 -7.69 -20.96
CA LEU F 2 -19.44 -7.35 -22.40
C LEU F 2 -20.76 -6.76 -22.86
N ARG F 3 -20.74 -6.09 -24.01
CA ARG F 3 -21.91 -5.55 -24.68
C ARG F 3 -22.72 -6.76 -25.19
N GLY F 4 -24.05 -6.66 -25.14
CA GLY F 4 -24.97 -7.73 -25.50
C GLY F 4 -25.54 -7.74 -26.91
N SER F 5 -25.07 -6.82 -27.76
CA SER F 5 -25.47 -6.76 -29.16
C SER F 5 -24.21 -6.40 -29.95
N VAL F 6 -24.21 -6.79 -31.21
CA VAL F 6 -23.11 -6.65 -32.16
C VAL F 6 -23.70 -6.05 -33.46
N ALA F 7 -22.87 -5.43 -34.30
CA ALA F 7 -23.34 -4.88 -35.57
C ALA F 7 -22.24 -5.06 -36.57
N HIS F 8 -22.53 -5.71 -37.69
CA HIS F 8 -21.56 -6.03 -38.75
C HIS F 8 -21.03 -4.84 -39.46
N LYS F 9 -19.80 -4.94 -39.94
CA LYS F 9 -19.11 -3.89 -40.70
C LYS F 9 -19.52 -3.87 -42.17
S SO4 G . -3.35 -6.89 33.98
O1 SO4 G . -4.62 -6.28 33.61
O2 SO4 G . -2.96 -6.40 35.31
O3 SO4 G . -3.48 -8.35 33.99
O4 SO4 G . -2.32 -6.52 32.99
S SO4 H . 0.86 -14.25 29.76
O1 SO4 H . 0.59 -12.84 30.04
O2 SO4 H . 1.24 -14.96 30.99
O3 SO4 H . -0.33 -14.85 29.19
O4 SO4 H . 1.96 -14.35 28.79
S SO4 I . -4.70 -1.95 -20.53
O1 SO4 I . -5.84 -1.10 -20.16
O2 SO4 I . -3.83 -2.16 -19.36
O3 SO4 I . -5.17 -3.24 -21.01
O4 SO4 I . -3.93 -1.29 -21.61
S SO4 J . -0.19 -19.95 -29.03
O1 SO4 J . -0.80 -18.84 -28.32
O2 SO4 J . -0.28 -21.16 -28.20
O3 SO4 J . -0.88 -20.17 -30.30
O4 SO4 J . 1.22 -19.65 -29.31
S SO4 K . 14.77 -6.95 -12.12
O1 SO4 K . 14.20 -5.69 -12.53
O2 SO4 K . 14.13 -7.42 -10.89
O3 SO4 K . 14.57 -7.90 -13.21
O4 SO4 K . 16.20 -6.78 -11.87
#